data_3MMZ
#
_entry.id   3MMZ
#
_cell.length_a   100.387
_cell.length_b   115.723
_cell.length_c   115.192
_cell.angle_alpha   90.000
_cell.angle_beta   90.000
_cell.angle_gamma   90.000
#
_symmetry.space_group_name_H-M   'C 2 2 21'
#
loop_
_entity.id
_entity.type
_entity.pdbx_description
1 polymer 'putative HAD family hydrolase'
2 non-polymer 'CALCIUM ION'
3 non-polymer 'CHLORIDE ION'
4 water water
#
_entity_poly.entity_id   1
_entity_poly.type   'polypeptide(L)'
_entity_poly.pdbx_seq_one_letter_code
;(MSE)SLGALPTAEDIDAVVLDFDGTQTDDRVLIDSDGREFVSVHRGDGLGIAALRKSGLT(MSE)LILSTEQNPVVAAR
ARKLKIPVLHGIDRKDLALKQWCEEQGIAPERVLYVGNDVNDLPCFALVGWPVAVASAHDVVRGAARAVTTVPGGDGAIR
EIASWILGPSLDSLDKEGHHHHHH
;
_entity_poly.pdbx_strand_id   A,B,C,D
#
# COMPACT_ATOMS: atom_id res chain seq x y z
N SER A 2 4.10 -20.49 8.99
CA SER A 2 3.19 -20.40 7.82
C SER A 2 3.97 -19.81 6.64
N LEU A 3 3.87 -20.46 5.47
CA LEU A 3 4.56 -19.98 4.28
C LEU A 3 4.18 -18.53 3.95
N GLY A 4 5.18 -17.70 3.72
CA GLY A 4 4.97 -16.29 3.36
C GLY A 4 4.67 -15.35 4.52
N ALA A 5 4.53 -15.85 5.75
CA ALA A 5 4.22 -14.99 6.90
C ALA A 5 5.24 -13.84 7.02
N LEU A 6 4.73 -12.65 7.33
CA LEU A 6 5.59 -11.51 7.60
C LEU A 6 6.26 -11.72 8.96
N PRO A 7 7.48 -11.20 9.14
CA PRO A 7 8.12 -11.35 10.45
C PRO A 7 7.40 -10.56 11.53
N THR A 8 7.44 -11.09 12.75
CA THR A 8 6.95 -10.39 13.94
C THR A 8 8.12 -10.20 14.93
N ALA A 9 7.85 -9.51 16.03
CA ALA A 9 8.86 -9.26 17.07
C ALA A 9 9.47 -10.56 17.60
N GLU A 10 8.62 -11.58 17.77
CA GLU A 10 9.03 -12.90 18.26
C GLU A 10 10.04 -13.62 17.36
N ASP A 11 10.10 -13.23 16.09
CA ASP A 11 10.92 -13.94 15.10
C ASP A 11 12.36 -13.46 15.01
N ILE A 12 12.62 -12.24 15.45
CA ILE A 12 13.90 -11.61 15.12
C ILE A 12 14.61 -11.00 16.32
N ASP A 13 15.94 -11.09 16.29
CA ASP A 13 16.80 -10.48 17.30
C ASP A 13 17.63 -9.32 16.75
N ALA A 14 17.68 -9.21 15.42
CA ALA A 14 18.54 -8.22 14.77
C ALA A 14 17.96 -7.75 13.45
N VAL A 15 18.25 -6.48 13.13
CA VAL A 15 17.84 -5.90 11.87
C VAL A 15 19.08 -5.29 11.27
N VAL A 16 19.44 -5.75 10.08
CA VAL A 16 20.63 -5.29 9.40
C VAL A 16 20.17 -4.66 8.09
N LEU A 17 20.69 -3.47 7.81
CA LEU A 17 20.21 -2.68 6.67
C LEU A 17 21.28 -2.37 5.65
N ASP A 18 20.99 -2.67 4.39
CA ASP A 18 21.71 -2.10 3.28
C ASP A 18 21.43 -0.60 3.32
N PHE A 19 22.25 0.19 2.64
CA PHE A 19 22.02 1.63 2.57
C PHE A 19 21.49 2.10 1.23
N ASP A 20 22.36 2.27 0.23
CA ASP A 20 21.90 2.84 -1.06
C ASP A 20 20.86 1.93 -1.70
N GLY A 21 19.70 2.50 -2.09
CA GLY A 21 18.66 1.71 -2.74
C GLY A 21 17.69 1.06 -1.77
N THR A 22 18.06 1.08 -0.50
CA THR A 22 17.26 0.45 0.55
C THR A 22 16.74 1.52 1.50
N GLN A 23 17.65 2.36 1.99
CA GLN A 23 17.32 3.58 2.74
C GLN A 23 17.29 4.83 1.85
N THR A 24 17.63 4.64 0.56
CA THR A 24 17.60 5.71 -0.43
C THR A 24 16.98 5.17 -1.71
N ASP A 25 16.68 6.08 -2.64
CA ASP A 25 16.15 5.69 -3.96
C ASP A 25 17.29 5.33 -4.93
N ASP A 26 18.49 5.08 -4.39
CA ASP A 26 19.65 4.64 -5.19
C ASP A 26 20.32 5.78 -5.97
N ARG A 27 19.82 7.00 -5.84
CA ARG A 27 20.45 8.16 -6.47
C ARG A 27 21.52 8.77 -5.58
N VAL A 28 22.51 9.38 -6.22
CA VAL A 28 23.57 10.10 -5.51
C VAL A 28 23.79 11.42 -6.23
N LEU A 29 23.68 12.53 -5.50
CA LEU A 29 24.01 13.83 -6.02
C LEU A 29 25.52 14.02 -5.92
N ILE A 30 26.15 14.44 -7.02
CA ILE A 30 27.60 14.63 -7.05
C ILE A 30 28.01 16.02 -7.49
N ASP A 31 29.14 16.50 -6.95
CA ASP A 31 29.74 17.76 -7.43
C ASP A 31 31.01 17.50 -8.24
N SER A 32 31.66 18.57 -8.71
CA SER A 32 32.85 18.46 -9.55
C SER A 32 34.06 17.82 -8.86
N ASP A 33 34.09 17.85 -7.54
CA ASP A 33 35.18 17.26 -6.76
C ASP A 33 34.87 15.81 -6.38
N GLY A 34 33.67 15.35 -6.73
CA GLY A 34 33.26 13.99 -6.39
C GLY A 34 32.63 13.85 -5.02
N ARG A 35 32.31 14.98 -4.39
CA ARG A 35 31.55 14.95 -3.14
C ARG A 35 30.18 14.38 -3.43
N GLU A 36 29.68 13.56 -2.51
CA GLU A 36 28.44 12.83 -2.69
C GLU A 36 27.39 13.26 -1.65
N PHE A 37 26.13 13.31 -2.09
CA PHE A 37 24.99 13.63 -1.23
C PHE A 37 23.90 12.61 -1.55
N VAL A 38 23.17 12.12 -0.54
CA VAL A 38 22.05 11.23 -0.78
C VAL A 38 20.85 11.67 0.03
N SER A 39 19.67 11.25 -0.40
CA SER A 39 18.41 11.56 0.29
C SER A 39 17.94 10.39 1.13
N VAL A 40 17.70 10.66 2.42
CA VAL A 40 17.13 9.65 3.32
C VAL A 40 15.74 10.09 3.77
N HIS A 41 15.02 9.19 4.43
CA HIS A 41 13.61 9.42 4.68
C HIS A 41 13.34 9.52 6.18
N ARG A 42 12.63 10.57 6.59
CA ARG A 42 12.31 10.78 8.01
C ARG A 42 11.50 9.65 8.64
N GLY A 43 10.61 9.06 7.86
CA GLY A 43 9.80 7.90 8.30
C GLY A 43 10.68 6.71 8.63
N ASP A 44 11.71 6.46 7.81
CA ASP A 44 12.72 5.45 8.13
C ASP A 44 13.42 5.76 9.44
N GLY A 45 13.76 7.03 9.65
CA GLY A 45 14.36 7.46 10.91
C GLY A 45 13.51 7.12 12.11
N LEU A 46 12.20 7.36 12.00
CA LEU A 46 11.25 7.05 13.05
C LEU A 46 11.17 5.53 13.27
N GLY A 47 11.11 4.78 12.18
CA GLY A 47 11.00 3.32 12.26
C GLY A 47 12.24 2.69 12.88
N ILE A 48 13.40 3.19 12.48
CA ILE A 48 14.69 2.71 12.99
C ILE A 48 14.83 3.01 14.49
N ALA A 49 14.45 4.22 14.90
CA ALA A 49 14.48 4.59 16.31
C ALA A 49 13.57 3.68 17.16
N ALA A 50 12.39 3.36 16.63
CA ALA A 50 11.45 2.47 17.31
C ALA A 50 11.99 1.04 17.46
N LEU A 51 12.63 0.53 16.39
CA LEU A 51 13.24 -0.80 16.44
C LEU A 51 14.41 -0.82 17.43
N ARG A 52 15.25 0.21 17.39
CA ARG A 52 16.38 0.32 18.32
C ARG A 52 15.91 0.39 19.77
N LYS A 53 14.90 1.24 20.01
CA LYS A 53 14.28 1.42 21.33
C LYS A 53 13.70 0.11 21.86
N SER A 54 13.20 -0.73 20.95
CA SER A 54 12.64 -2.03 21.31
C SER A 54 13.69 -3.08 21.70
N GLY A 55 14.97 -2.72 21.57
CA GLY A 55 16.07 -3.58 22.04
C GLY A 55 16.73 -4.46 20.98
N LEU A 56 16.25 -4.38 19.75
CA LEU A 56 16.83 -5.14 18.64
C LEU A 56 18.25 -4.67 18.37
N THR A 57 19.14 -5.60 18.06
CA THR A 57 20.50 -5.25 17.68
C THR A 57 20.50 -4.82 16.21
N LEU A 59 22.37 -2.74 12.65
CA LEU A 59 23.61 -2.55 11.91
C LEU A 59 23.27 -2.06 10.52
N ILE A 60 24.07 -1.12 10.01
CA ILE A 60 24.05 -0.81 8.58
C ILE A 60 25.30 -1.44 7.96
N LEU A 61 25.15 -2.04 6.79
CA LEU A 61 26.26 -2.67 6.07
C LEU A 61 26.40 -2.06 4.69
N SER A 62 27.62 -1.66 4.33
CA SER A 62 27.88 -1.17 2.98
C SER A 62 29.29 -1.55 2.54
N THR A 63 29.40 -2.04 1.30
CA THR A 63 30.70 -2.47 0.78
C THR A 63 31.74 -1.34 0.74
N GLU A 64 31.42 -0.26 0.03
CA GLU A 64 32.38 0.86 -0.12
C GLU A 64 32.49 1.70 1.16
N GLN A 65 33.69 2.23 1.39
CA GLN A 65 33.89 3.27 2.40
C GLN A 65 33.05 4.47 1.97
N ASN A 66 32.03 4.79 2.74
CA ASN A 66 31.10 5.83 2.34
C ASN A 66 30.85 6.73 3.52
N PRO A 67 31.52 7.90 3.54
CA PRO A 67 31.39 8.77 4.69
C PRO A 67 29.95 9.26 4.89
N VAL A 68 29.15 9.27 3.83
CA VAL A 68 27.75 9.69 3.99
C VAL A 68 26.97 8.67 4.84
N VAL A 69 27.22 7.38 4.60
CA VAL A 69 26.56 6.34 5.40
C VAL A 69 26.91 6.45 6.89
N ALA A 70 28.14 6.83 7.20
CA ALA A 70 28.57 6.96 8.60
C ALA A 70 27.86 8.15 9.28
N ALA A 71 27.66 9.23 8.53
CA ALA A 71 26.89 10.37 9.02
C ALA A 71 25.46 9.97 9.36
N ARG A 72 24.82 9.21 8.47
CA ARG A 72 23.45 8.72 8.70
C ARG A 72 23.39 7.79 9.91
N ALA A 73 24.35 6.86 9.99
CA ALA A 73 24.41 5.93 11.11
C ALA A 73 24.51 6.66 12.46
N ARG A 74 25.32 7.71 12.52
CA ARG A 74 25.47 8.48 13.75
C ARG A 74 24.13 9.09 14.17
N LYS A 75 23.44 9.69 13.19
CA LYS A 75 22.12 10.29 13.44
C LYS A 75 21.14 9.25 13.98
N LEU A 76 21.15 8.05 13.39
CA LEU A 76 20.27 6.96 13.81
C LEU A 76 20.71 6.24 15.08
N LYS A 77 21.91 6.54 15.57
CA LYS A 77 22.49 5.90 16.78
C LYS A 77 22.63 4.38 16.62
N ILE A 78 22.98 3.94 15.42
CA ILE A 78 23.22 2.52 15.18
C ILE A 78 24.58 2.35 14.50
N PRO A 79 25.25 1.20 14.74
CA PRO A 79 26.58 1.08 14.14
C PRO A 79 26.56 0.83 12.62
N VAL A 80 27.68 1.10 11.97
CA VAL A 80 27.82 0.82 10.55
C VAL A 80 29.15 0.10 10.29
N LEU A 81 29.10 -0.88 9.39
CA LEU A 81 30.30 -1.47 8.87
C LEU A 81 30.36 -1.13 7.40
N HIS A 82 31.39 -0.38 7.02
CA HIS A 82 31.58 0.01 5.63
C HIS A 82 33.07 -0.04 5.29
N GLY A 83 33.39 -0.15 4.00
CA GLY A 83 34.78 -0.34 3.58
C GLY A 83 35.22 -1.76 3.89
N ILE A 84 34.44 -2.70 3.39
CA ILE A 84 34.61 -4.12 3.69
C ILE A 84 34.69 -4.93 2.40
N ASP A 85 35.50 -5.98 2.41
CA ASP A 85 35.71 -6.79 1.21
C ASP A 85 34.43 -7.52 0.79
N ARG A 86 33.76 -8.15 1.76
CA ARG A 86 32.57 -8.94 1.48
C ARG A 86 31.50 -8.74 2.55
N LYS A 87 30.38 -8.16 2.15
CA LYS A 87 29.27 -7.88 3.07
C LYS A 87 28.89 -9.11 3.88
N ASP A 88 28.77 -10.25 3.19
CA ASP A 88 28.25 -11.47 3.80
C ASP A 88 29.18 -12.03 4.86
N LEU A 89 30.48 -11.97 4.60
CA LEU A 89 31.46 -12.44 5.59
C LEU A 89 31.53 -11.53 6.81
N ALA A 90 31.38 -10.22 6.58
CA ALA A 90 31.34 -9.26 7.68
C ALA A 90 30.10 -9.50 8.54
N LEU A 91 28.99 -9.79 7.87
CA LEU A 91 27.73 -10.09 8.55
C LEU A 91 27.84 -11.38 9.39
N LYS A 92 28.38 -12.43 8.78
CA LYS A 92 28.58 -13.72 9.47
C LYS A 92 29.41 -13.53 10.75
N GLN A 93 30.50 -12.77 10.64
CA GLN A 93 31.37 -12.49 11.80
C GLN A 93 30.64 -11.67 12.86
N TRP A 94 29.90 -10.66 12.41
CA TRP A 94 29.12 -9.82 13.30
C TRP A 94 28.08 -10.61 14.10
N CYS A 95 27.39 -11.54 13.44
CA CYS A 95 26.40 -12.39 14.11
C CYS A 95 27.08 -13.28 15.15
N GLU A 96 28.17 -13.93 14.74
CA GLU A 96 28.91 -14.84 15.62
C GLU A 96 29.32 -14.13 16.91
N GLU A 97 29.67 -12.85 16.78
CA GLU A 97 30.07 -12.02 17.92
C GLU A 97 28.93 -11.54 18.79
N GLN A 98 27.81 -11.16 18.17
CA GLN A 98 26.63 -10.70 18.92
C GLN A 98 25.99 -11.86 19.68
N GLY A 99 26.38 -13.08 19.33
CA GLY A 99 25.77 -14.31 19.84
C GLY A 99 24.42 -14.60 19.19
N ILE A 100 24.16 -13.96 18.05
CA ILE A 100 22.83 -14.00 17.42
C ILE A 100 22.75 -15.06 16.32
N ALA A 101 21.70 -15.87 16.38
CA ALA A 101 21.42 -16.88 15.36
C ALA A 101 21.06 -16.17 14.05
N PRO A 102 21.77 -16.49 12.95
CA PRO A 102 21.45 -15.84 11.67
C PRO A 102 20.01 -16.09 11.24
N GLU A 103 19.44 -17.20 11.71
CA GLU A 103 18.05 -17.52 11.42
C GLU A 103 17.08 -16.48 11.96
N ARG A 104 17.54 -15.72 12.95
CA ARG A 104 16.73 -14.69 13.61
C ARG A 104 17.23 -13.28 13.26
N VAL A 105 17.95 -13.19 12.14
CA VAL A 105 18.38 -11.91 11.61
C VAL A 105 17.51 -11.54 10.40
N LEU A 106 17.02 -10.30 10.42
CA LEU A 106 16.33 -9.69 9.29
C LEU A 106 17.32 -8.78 8.58
N TYR A 107 17.54 -9.03 7.29
CA TYR A 107 18.41 -8.21 6.48
C TYR A 107 17.62 -7.62 5.31
N VAL A 108 17.73 -6.30 5.10
CA VAL A 108 16.97 -5.59 4.04
C VAL A 108 17.91 -5.17 2.93
N GLY A 109 17.54 -5.48 1.69
CA GLY A 109 18.40 -5.19 0.53
C GLY A 109 17.60 -4.89 -0.72
N ASN A 110 18.29 -4.55 -1.80
CA ASN A 110 17.64 -4.15 -3.06
C ASN A 110 18.28 -4.68 -4.32
N ASP A 111 19.54 -5.13 -4.28
CA ASP A 111 20.23 -5.50 -5.53
C ASP A 111 21.07 -6.77 -5.36
N VAL A 112 21.67 -7.20 -6.46
CA VAL A 112 22.28 -8.55 -6.50
C VAL A 112 23.47 -8.72 -5.56
N ASN A 113 24.09 -7.61 -5.20
CA ASN A 113 25.18 -7.64 -4.20
C ASN A 113 24.68 -7.93 -2.78
N ASP A 114 23.36 -8.02 -2.60
CA ASP A 114 22.78 -8.44 -1.33
C ASP A 114 22.48 -9.92 -1.25
N LEU A 115 22.59 -10.62 -2.37
CA LEU A 115 22.17 -12.03 -2.38
C LEU A 115 22.98 -12.95 -1.44
N PRO A 116 24.31 -12.75 -1.34
CA PRO A 116 25.04 -13.59 -0.37
C PRO A 116 24.55 -13.36 1.07
N CYS A 117 24.23 -12.10 1.41
CA CYS A 117 23.62 -11.82 2.71
C CYS A 117 22.26 -12.47 2.86
N PHE A 118 21.44 -12.37 1.82
CA PHE A 118 20.13 -13.03 1.83
C PHE A 118 20.26 -14.54 2.15
N ALA A 119 21.25 -15.20 1.53
CA ALA A 119 21.46 -16.63 1.73
C ALA A 119 21.87 -16.99 3.15
N LEU A 120 22.54 -16.06 3.83
CA LEU A 120 23.04 -16.29 5.20
C LEU A 120 21.95 -16.20 6.28
N VAL A 121 21.00 -15.29 6.10
CA VAL A 121 20.05 -14.94 7.16
C VAL A 121 18.69 -15.62 7.04
N GLY A 122 17.96 -15.69 8.15
CA GLY A 122 16.63 -16.31 8.18
C GLY A 122 15.54 -15.46 7.53
N TRP A 123 15.68 -14.14 7.62
CA TRP A 123 14.64 -13.22 7.17
C TRP A 123 15.15 -12.16 6.16
N PRO A 124 15.52 -12.60 4.95
CA PRO A 124 15.90 -11.64 3.92
C PRO A 124 14.67 -10.89 3.44
N VAL A 125 14.77 -9.57 3.35
CA VAL A 125 13.64 -8.70 2.98
C VAL A 125 14.07 -7.79 1.82
N ALA A 126 13.29 -7.80 0.73
CA ALA A 126 13.52 -6.89 -0.40
C ALA A 126 12.64 -5.67 -0.29
N VAL A 127 13.19 -4.50 -0.61
CA VAL A 127 12.34 -3.32 -0.77
C VAL A 127 11.56 -3.48 -2.08
N ALA A 128 10.44 -2.77 -2.20
CA ALA A 128 9.55 -2.88 -3.37
C ALA A 128 10.25 -2.60 -4.70
N SER A 129 11.22 -1.69 -4.65
CA SER A 129 11.96 -1.24 -5.81
C SER A 129 13.16 -2.14 -6.12
N ALA A 130 13.29 -3.26 -5.40
CA ALA A 130 14.39 -4.20 -5.65
C ALA A 130 14.31 -4.83 -7.04
N HIS A 131 15.46 -5.26 -7.54
CA HIS A 131 15.53 -5.93 -8.82
C HIS A 131 14.90 -7.32 -8.75
N ASP A 132 14.44 -7.81 -9.89
CA ASP A 132 13.64 -9.06 -10.00
C ASP A 132 14.14 -10.19 -9.13
N VAL A 133 15.40 -10.58 -9.35
CA VAL A 133 15.92 -11.76 -8.66
C VAL A 133 15.94 -11.54 -7.16
N VAL A 134 16.10 -10.28 -6.75
CA VAL A 134 16.18 -9.94 -5.33
C VAL A 134 14.79 -9.99 -4.70
N ARG A 135 13.77 -9.50 -5.41
CA ARG A 135 12.38 -9.59 -4.93
C ARG A 135 12.00 -11.06 -4.69
N GLY A 136 12.38 -11.92 -5.63
CA GLY A 136 12.10 -13.35 -5.53
C GLY A 136 12.84 -14.01 -4.37
N ALA A 137 14.14 -13.72 -4.27
CA ALA A 137 15.02 -14.34 -3.24
C ALA A 137 14.61 -14.01 -1.81
N ALA A 138 13.93 -12.88 -1.63
CA ALA A 138 13.48 -12.45 -0.31
C ALA A 138 12.42 -13.37 0.30
N ARG A 139 12.33 -13.34 1.63
CA ARG A 139 11.28 -14.05 2.35
C ARG A 139 10.05 -13.15 2.50
N ALA A 140 10.28 -11.84 2.47
CA ALA A 140 9.21 -10.86 2.46
C ALA A 140 9.63 -9.67 1.60
N VAL A 141 8.64 -8.98 1.04
CA VAL A 141 8.89 -7.85 0.16
C VAL A 141 8.02 -6.67 0.62
N THR A 142 8.64 -5.51 0.82
CA THR A 142 7.90 -4.31 1.22
C THR A 142 7.03 -3.83 0.07
N THR A 143 6.02 -3.01 0.39
CA THR A 143 5.18 -2.41 -0.65
C THR A 143 5.72 -1.03 -1.01
N VAL A 144 6.43 -0.43 -0.05
CA VAL A 144 7.03 0.89 -0.20
C VAL A 144 8.45 0.73 -0.76
N PRO A 145 8.83 1.52 -1.79
CA PRO A 145 10.20 1.43 -2.35
C PRO A 145 11.32 2.03 -1.47
N GLY A 146 12.57 1.75 -1.84
CA GLY A 146 13.73 2.32 -1.14
C GLY A 146 13.71 3.84 -1.17
N GLY A 147 13.99 4.45 -0.02
CA GLY A 147 14.00 5.91 0.13
C GLY A 147 12.62 6.55 0.32
N ASP A 148 11.59 5.71 0.38
CA ASP A 148 10.22 6.18 0.50
C ASP A 148 9.59 5.77 1.84
N GLY A 149 10.38 5.19 2.74
CA GLY A 149 9.83 4.70 4.01
C GLY A 149 9.69 3.18 4.14
N ALA A 150 10.53 2.46 3.41
CA ALA A 150 10.47 0.99 3.39
C ALA A 150 10.84 0.43 4.77
N ILE A 151 11.77 1.11 5.46
CA ILE A 151 12.18 0.65 6.78
C ILE A 151 11.08 0.88 7.83
N ARG A 152 10.35 1.98 7.67
CA ARG A 152 9.22 2.24 8.54
C ARG A 152 8.14 1.16 8.38
N GLU A 153 7.89 0.74 7.14
CA GLU A 153 6.97 -0.36 6.89
C GLU A 153 7.40 -1.63 7.63
N ILE A 154 8.69 -1.96 7.52
CA ILE A 154 9.22 -3.15 8.19
C ILE A 154 9.09 -3.00 9.71
N ALA A 155 9.40 -1.81 10.23
CA ALA A 155 9.22 -1.54 11.64
C ALA A 155 7.76 -1.77 12.07
N SER A 156 6.81 -1.43 11.20
CA SER A 156 5.38 -1.67 11.49
C SER A 156 5.01 -3.16 11.52
N TRP A 157 5.71 -3.98 10.73
CA TRP A 157 5.52 -5.44 10.79
C TRP A 157 5.89 -5.96 12.17
N ILE A 158 6.99 -5.43 12.69
CA ILE A 158 7.56 -5.93 13.94
C ILE A 158 6.83 -5.37 15.17
N LEU A 159 6.51 -4.08 15.13
CA LEU A 159 5.97 -3.37 16.29
C LEU A 159 4.52 -2.93 16.17
N GLY A 160 3.89 -3.12 15.01
CA GLY A 160 2.53 -2.61 14.77
C GLY A 160 2.57 -1.22 14.15
N PRO A 161 1.43 -0.77 13.57
CA PRO A 161 1.39 0.55 12.90
C PRO A 161 1.61 1.73 13.86
N SER A 162 1.44 1.49 15.16
CA SER A 162 1.72 2.49 16.21
C SER A 162 3.21 2.62 16.52
N LEU A 163 4.00 1.68 15.98
CA LEU A 163 5.42 1.52 16.29
C LEU A 163 5.66 1.22 17.79
N ASP A 164 4.63 0.63 18.41
CA ASP A 164 4.66 0.05 19.76
C ASP A 164 3.28 -0.43 20.18
N SER B 2 -8.99 6.39 20.81
CA SER B 2 -8.14 7.59 20.56
C SER B 2 -8.40 8.12 19.15
N LEU B 3 -8.05 9.40 18.93
CA LEU B 3 -8.33 10.07 17.67
C LEU B 3 -7.70 9.34 16.48
N GLY B 4 -8.53 9.08 15.48
CA GLY B 4 -8.09 8.40 14.27
C GLY B 4 -8.03 6.89 14.31
N ALA B 5 -8.32 6.28 15.47
CA ALA B 5 -8.27 4.81 15.59
C ALA B 5 -9.23 4.14 14.60
N LEU B 6 -8.76 3.04 14.01
CA LEU B 6 -9.56 2.27 13.07
C LEU B 6 -10.62 1.47 13.83
N PRO B 7 -11.76 1.15 13.17
CA PRO B 7 -12.78 0.31 13.80
C PRO B 7 -12.27 -1.09 14.08
N THR B 8 -12.81 -1.72 15.13
CA THR B 8 -12.54 -3.12 15.42
C THR B 8 -13.89 -3.86 15.49
N ALA B 9 -13.83 -5.19 15.55
CA ALA B 9 -15.04 -6.02 15.65
C ALA B 9 -15.93 -5.65 16.83
N GLU B 10 -15.32 -5.26 17.94
CA GLU B 10 -16.09 -4.90 19.14
C GLU B 10 -16.84 -3.56 19.02
N ASP B 11 -16.48 -2.75 18.02
CA ASP B 11 -17.06 -1.43 17.83
C ASP B 11 -18.35 -1.41 17.02
N ILE B 12 -18.58 -2.45 16.22
CA ILE B 12 -19.66 -2.40 15.24
C ILE B 12 -20.59 -3.62 15.25
N ASP B 13 -21.85 -3.39 14.85
CA ASP B 13 -22.84 -4.46 14.72
C ASP B 13 -23.32 -4.63 13.29
N ALA B 14 -22.98 -3.67 12.43
CA ALA B 14 -23.48 -3.66 11.06
C ALA B 14 -22.49 -3.00 10.10
N VAL B 15 -22.49 -3.45 8.86
CA VAL B 15 -21.68 -2.84 7.80
C VAL B 15 -22.62 -2.52 6.65
N VAL B 16 -22.71 -1.24 6.31
CA VAL B 16 -23.53 -0.79 5.19
C VAL B 16 -22.61 -0.23 4.10
N LEU B 17 -22.82 -0.70 2.87
CA LEU B 17 -21.93 -0.40 1.77
C LEU B 17 -22.62 0.37 0.67
N ASP B 18 -22.06 1.52 0.31
CA ASP B 18 -22.40 2.15 -0.95
C ASP B 18 -21.94 1.22 -2.07
N PHE B 19 -22.49 1.37 -3.26
CA PHE B 19 -22.10 0.52 -4.38
C PHE B 19 -21.15 1.21 -5.37
N ASP B 20 -21.69 2.00 -6.30
CA ASP B 20 -20.85 2.64 -7.36
C ASP B 20 -19.78 3.53 -6.74
N GLY B 21 -18.52 3.34 -7.14
CA GLY B 21 -17.44 4.18 -6.62
C GLY B 21 -16.85 3.73 -5.29
N THR B 22 -17.55 2.81 -4.62
CA THR B 22 -17.10 2.25 -3.35
C THR B 22 -16.71 0.77 -3.55
N GLN B 23 -17.58 0.02 -4.22
CA GLN B 23 -17.26 -1.34 -4.67
C GLN B 23 -16.86 -1.38 -6.14
N THR B 24 -16.92 -0.22 -6.79
CA THR B 24 -16.49 -0.08 -8.18
C THR B 24 -15.66 1.20 -8.31
N ASP B 25 -15.08 1.41 -9.48
CA ASP B 25 -14.34 2.62 -9.76
C ASP B 25 -15.21 3.76 -10.32
N ASP B 26 -16.54 3.63 -10.14
CA ASP B 26 -17.52 4.65 -10.56
C ASP B 26 -17.77 4.66 -12.07
N ARG B 27 -17.11 3.77 -12.82
CA ARG B 27 -17.38 3.65 -14.24
C ARG B 27 -18.57 2.72 -14.50
N VAL B 28 -19.30 2.99 -15.58
CA VAL B 28 -20.43 2.16 -15.96
C VAL B 28 -20.38 1.96 -17.46
N LEU B 29 -20.37 0.71 -17.91
CA LEU B 29 -20.44 0.41 -19.33
C LEU B 29 -21.91 0.38 -19.73
N ILE B 30 -22.24 1.02 -20.85
CA ILE B 30 -23.63 1.08 -21.29
C ILE B 30 -23.77 0.67 -22.75
N ASP B 31 -24.93 0.08 -23.09
CA ASP B 31 -25.29 -0.17 -24.49
C ASP B 31 -26.45 0.73 -24.90
N SER B 32 -26.86 0.62 -26.17
CA SER B 32 -27.93 1.42 -26.75
C SER B 32 -29.29 1.17 -26.11
N ASP B 33 -29.46 -0.01 -25.49
CA ASP B 33 -30.70 -0.41 -24.84
C ASP B 33 -30.83 0.06 -23.40
N GLY B 34 -29.73 0.55 -22.82
CA GLY B 34 -29.74 1.01 -21.44
C GLY B 34 -29.26 0.00 -20.43
N ARG B 35 -28.85 -1.18 -20.91
CA ARG B 35 -28.19 -2.18 -20.07
C ARG B 35 -26.91 -1.56 -19.51
N GLU B 36 -26.64 -1.81 -18.23
CA GLU B 36 -25.44 -1.32 -17.57
C GLU B 36 -24.55 -2.47 -17.10
N PHE B 37 -23.24 -2.24 -17.11
CA PHE B 37 -22.27 -3.18 -16.58
C PHE B 37 -21.31 -2.41 -15.69
N VAL B 38 -20.93 -3.02 -14.58
CA VAL B 38 -19.91 -2.42 -13.73
C VAL B 38 -18.87 -3.47 -13.36
N SER B 39 -17.66 -3.02 -12.99
CA SER B 39 -16.61 -3.91 -12.57
C SER B 39 -16.52 -3.98 -11.06
N VAL B 40 -16.60 -5.19 -10.53
CA VAL B 40 -16.45 -5.41 -9.09
C VAL B 40 -15.16 -6.18 -8.85
N HIS B 41 -14.72 -6.26 -7.60
CA HIS B 41 -13.42 -6.82 -7.28
C HIS B 41 -13.57 -8.10 -6.46
N ARG B 42 -12.87 -9.17 -6.87
CA ARG B 42 -12.96 -10.47 -6.19
C ARG B 42 -12.48 -10.42 -4.74
N GLY B 43 -11.53 -9.53 -4.48
CA GLY B 43 -11.01 -9.29 -3.12
C GLY B 43 -12.11 -8.78 -2.21
N ASP B 44 -12.92 -7.85 -2.72
CA ASP B 44 -14.10 -7.36 -1.99
C ASP B 44 -15.06 -8.51 -1.72
N GLY B 45 -15.23 -9.39 -2.70
CA GLY B 45 -16.07 -10.58 -2.52
C GLY B 45 -15.64 -11.40 -1.32
N LEU B 46 -14.34 -11.63 -1.25
CA LEU B 46 -13.72 -12.38 -0.16
C LEU B 46 -13.96 -11.65 1.16
N GLY B 47 -13.74 -10.33 1.18
CA GLY B 47 -13.88 -9.56 2.42
C GLY B 47 -15.31 -9.53 2.93
N ILE B 48 -16.24 -9.31 1.99
CA ILE B 48 -17.65 -9.30 2.32
C ILE B 48 -18.13 -10.66 2.83
N ALA B 49 -17.69 -11.76 2.20
CA ALA B 49 -18.05 -13.09 2.66
C ALA B 49 -17.59 -13.33 4.10
N ALA B 50 -16.42 -12.81 4.43
CA ALA B 50 -15.86 -12.98 5.77
C ALA B 50 -16.63 -12.17 6.81
N LEU B 51 -16.95 -10.92 6.48
CA LEU B 51 -17.74 -10.09 7.36
C LEU B 51 -19.13 -10.72 7.60
N ARG B 52 -19.74 -11.22 6.53
CA ARG B 52 -21.04 -11.90 6.61
C ARG B 52 -20.99 -13.12 7.54
N LYS B 53 -19.95 -13.95 7.38
CA LYS B 53 -19.79 -15.17 8.17
C LYS B 53 -19.56 -14.86 9.66
N SER B 54 -18.96 -13.70 9.96
CA SER B 54 -18.70 -13.30 11.35
C SER B 54 -19.96 -12.90 12.12
N GLY B 55 -21.07 -12.76 11.40
CA GLY B 55 -22.37 -12.49 12.02
C GLY B 55 -22.84 -11.04 11.97
N LEU B 56 -22.06 -10.17 11.32
CA LEU B 56 -22.45 -8.76 11.15
C LEU B 56 -23.67 -8.63 10.24
N THR B 57 -24.57 -7.71 10.58
CA THR B 57 -25.70 -7.38 9.73
C THR B 57 -25.19 -6.54 8.56
N LEU B 59 -25.66 -4.64 4.56
CA LEU B 59 -26.57 -4.04 3.61
C LEU B 59 -25.78 -3.34 2.52
N ILE B 60 -26.23 -3.49 1.28
CA ILE B 60 -25.76 -2.61 0.21
C ILE B 60 -26.86 -1.58 -0.02
N LEU B 61 -26.47 -0.30 0.01
CA LEU B 61 -27.42 0.81 -0.08
C LEU B 61 -27.08 1.74 -1.25
N SER B 62 -28.02 1.96 -2.17
CA SER B 62 -27.74 2.74 -3.37
C SER B 62 -28.95 3.53 -3.84
N THR B 63 -28.74 4.74 -4.36
CA THR B 63 -29.84 5.48 -4.99
C THR B 63 -30.10 5.02 -6.43
N GLU B 64 -29.15 4.27 -6.98
CA GLU B 64 -29.22 3.82 -8.38
C GLU B 64 -30.35 2.83 -8.61
N GLN B 65 -31.20 3.12 -9.61
CA GLN B 65 -32.32 2.26 -9.93
C GLN B 65 -31.94 1.02 -10.75
N ASN B 66 -30.87 1.09 -11.54
CA ASN B 66 -30.52 -0.05 -12.39
C ASN B 66 -30.28 -1.33 -11.58
N PRO B 67 -30.81 -2.47 -12.05
CA PRO B 67 -30.71 -3.74 -11.31
C PRO B 67 -29.29 -4.32 -11.14
N VAL B 68 -28.29 -3.75 -11.80
CA VAL B 68 -26.93 -4.30 -11.68
C VAL B 68 -26.45 -4.35 -10.21
N VAL B 69 -26.82 -3.35 -9.41
CA VAL B 69 -26.49 -3.35 -8.00
C VAL B 69 -27.08 -4.58 -7.29
N ALA B 70 -28.33 -4.90 -7.62
CA ALA B 70 -29.00 -6.06 -7.01
C ALA B 70 -28.37 -7.38 -7.47
N ALA B 71 -27.91 -7.43 -8.72
CA ALA B 71 -27.19 -8.61 -9.20
C ALA B 71 -25.91 -8.84 -8.39
N ARG B 72 -25.16 -7.77 -8.08
CA ARG B 72 -23.98 -7.95 -7.24
C ARG B 72 -24.38 -8.41 -5.84
N ALA B 73 -25.43 -7.82 -5.29
CA ALA B 73 -25.91 -8.17 -3.95
C ALA B 73 -26.29 -9.64 -3.87
N ARG B 74 -26.87 -10.17 -4.95
CA ARG B 74 -27.26 -11.59 -5.02
C ARG B 74 -26.03 -12.48 -4.97
N LYS B 75 -25.02 -12.13 -5.75
CA LYS B 75 -23.78 -12.91 -5.78
C LYS B 75 -23.11 -12.94 -4.38
N LEU B 76 -23.16 -11.81 -3.69
CA LEU B 76 -22.56 -11.68 -2.36
C LEU B 76 -23.45 -12.21 -1.22
N LYS B 77 -24.70 -12.54 -1.55
CA LYS B 77 -25.66 -13.06 -0.56
C LYS B 77 -25.95 -12.11 0.60
N ILE B 78 -25.99 -10.82 0.31
CA ILE B 78 -26.36 -9.82 1.32
C ILE B 78 -27.52 -8.95 0.80
N PRO B 79 -28.37 -8.44 1.71
CA PRO B 79 -29.50 -7.59 1.37
C PRO B 79 -29.07 -6.33 0.61
N VAL B 80 -29.92 -5.92 -0.33
CA VAL B 80 -29.74 -4.64 -1.03
C VAL B 80 -31.01 -3.80 -0.91
N LEU B 81 -30.83 -2.51 -0.67
CA LEU B 81 -31.89 -1.53 -0.83
C LEU B 81 -31.40 -0.56 -1.88
N HIS B 82 -32.09 -0.47 -3.02
CA HIS B 82 -31.64 0.48 -4.04
C HIS B 82 -32.77 1.21 -4.73
N GLY B 83 -32.43 2.19 -5.59
CA GLY B 83 -33.43 3.02 -6.26
C GLY B 83 -34.07 3.98 -5.27
N ILE B 84 -33.44 4.08 -4.09
CA ILE B 84 -33.90 4.93 -3.00
C ILE B 84 -33.62 6.40 -3.32
N ASP B 85 -34.62 7.26 -3.11
CA ASP B 85 -34.43 8.70 -3.32
C ASP B 85 -33.45 9.31 -2.30
N ARG B 86 -33.74 9.13 -1.02
CA ARG B 86 -32.91 9.67 0.06
C ARG B 86 -32.19 8.55 0.80
N LYS B 87 -30.92 8.32 0.47
CA LYS B 87 -30.09 7.29 1.12
C LYS B 87 -30.12 7.37 2.65
N ASP B 88 -29.99 8.59 3.17
CA ASP B 88 -29.92 8.81 4.60
C ASP B 88 -31.21 8.44 5.33
N LEU B 89 -32.35 8.76 4.73
CA LEU B 89 -33.64 8.42 5.33
C LEU B 89 -33.87 6.92 5.31
N ALA B 90 -33.45 6.26 4.24
CA ALA B 90 -33.56 4.81 4.14
C ALA B 90 -32.70 4.15 5.21
N LEU B 91 -31.49 4.68 5.40
CA LEU B 91 -30.58 4.16 6.41
C LEU B 91 -31.13 4.35 7.83
N LYS B 92 -31.66 5.54 8.12
CA LYS B 92 -32.27 5.82 9.42
C LYS B 92 -33.39 4.82 9.72
N GLN B 93 -34.27 4.62 8.75
CA GLN B 93 -35.40 3.69 8.87
C GLN B 93 -34.92 2.25 9.05
N TRP B 94 -33.90 1.88 8.28
CA TRP B 94 -33.33 0.53 8.35
C TRP B 94 -32.77 0.21 9.73
N CYS B 95 -32.04 1.17 10.32
CA CYS B 95 -31.52 1.02 11.67
C CYS B 95 -32.66 0.87 12.69
N GLU B 96 -33.67 1.71 12.55
CA GLU B 96 -34.78 1.71 13.52
C GLU B 96 -35.63 0.45 13.43
N GLU B 97 -35.82 -0.07 12.22
CA GLU B 97 -36.57 -1.35 12.05
C GLU B 97 -35.93 -2.53 12.78
N GLN B 98 -34.61 -2.48 12.94
CA GLN B 98 -33.86 -3.55 13.60
C GLN B 98 -33.39 -3.24 15.00
N GLY B 99 -33.68 -2.04 15.47
CA GLY B 99 -33.21 -1.59 16.78
C GLY B 99 -31.70 -1.56 16.86
N ILE B 100 -31.03 -1.30 15.75
CA ILE B 100 -29.57 -1.14 15.73
C ILE B 100 -29.21 0.31 16.08
N ALA B 101 -28.26 0.49 17.00
CA ALA B 101 -27.76 1.81 17.35
C ALA B 101 -26.88 2.32 16.19
N PRO B 102 -27.21 3.51 15.64
CA PRO B 102 -26.41 4.04 14.53
C PRO B 102 -24.93 4.26 14.88
N GLU B 103 -24.64 4.43 16.16
CA GLU B 103 -23.26 4.57 16.66
C GLU B 103 -22.40 3.32 16.42
N ARG B 104 -23.05 2.17 16.25
CA ARG B 104 -22.34 0.92 16.02
C ARG B 104 -22.48 0.44 14.56
N VAL B 105 -22.82 1.38 13.68
CA VAL B 105 -22.86 1.11 12.24
C VAL B 105 -21.64 1.67 11.52
N LEU B 106 -20.99 0.81 10.72
CA LEU B 106 -19.93 1.24 9.82
C LEU B 106 -20.54 1.40 8.43
N TYR B 107 -20.39 2.59 7.86
CA TYR B 107 -20.91 2.90 6.54
C TYR B 107 -19.77 3.35 5.63
N VAL B 108 -19.68 2.76 4.45
CA VAL B 108 -18.58 3.05 3.51
C VAL B 108 -19.11 3.80 2.29
N GLY B 109 -18.50 4.95 1.98
CA GLY B 109 -18.96 5.73 0.83
C GLY B 109 -17.84 6.45 0.09
N ASN B 110 -18.21 7.19 -0.95
CA ASN B 110 -17.22 7.87 -1.82
C ASN B 110 -17.59 9.24 -2.33
N ASP B 111 -18.87 9.61 -2.28
CA ASP B 111 -19.30 10.88 -2.88
C ASP B 111 -20.28 11.65 -1.98
N VAL B 112 -20.67 12.85 -2.41
CA VAL B 112 -21.38 13.78 -1.55
C VAL B 112 -22.77 13.30 -1.11
N ASN B 113 -23.39 12.40 -1.87
CA ASN B 113 -24.66 11.82 -1.45
C ASN B 113 -24.52 10.78 -0.34
N ASP B 114 -23.28 10.50 0.06
CA ASP B 114 -22.97 9.70 1.23
C ASP B 114 -22.81 10.51 2.50
N LEU B 115 -22.65 11.83 2.37
CA LEU B 115 -22.40 12.66 3.56
C LEU B 115 -23.54 12.63 4.60
N PRO B 116 -24.81 12.73 4.17
CA PRO B 116 -25.86 12.62 5.20
C PRO B 116 -25.88 11.25 5.91
N CYS B 117 -25.49 10.17 5.22
CA CYS B 117 -25.32 8.87 5.87
C CYS B 117 -24.18 8.87 6.87
N PHE B 118 -23.05 9.46 6.46
CA PHE B 118 -21.88 9.61 7.33
C PHE B 118 -22.27 10.26 8.67
N ALA B 119 -23.12 11.27 8.61
CA ALA B 119 -23.53 12.02 9.81
C ALA B 119 -24.41 11.19 10.74
N LEU B 120 -25.13 10.24 10.16
CA LEU B 120 -26.01 9.39 10.94
C LEU B 120 -25.28 8.32 11.76
N VAL B 121 -24.14 7.82 11.26
CA VAL B 121 -23.50 6.64 11.84
C VAL B 121 -22.25 6.91 12.65
N GLY B 122 -21.90 5.94 13.49
CA GLY B 122 -20.72 6.04 14.35
C GLY B 122 -19.42 5.94 13.58
N TRP B 123 -19.42 5.09 12.54
CA TRP B 123 -18.16 4.79 11.84
C TRP B 123 -18.23 5.03 10.33
N PRO B 124 -18.29 6.30 9.92
CA PRO B 124 -18.22 6.60 8.49
C PRO B 124 -16.81 6.34 7.94
N VAL B 125 -16.74 5.59 6.84
CA VAL B 125 -15.47 5.25 6.22
C VAL B 125 -15.47 5.69 4.76
N ALA B 126 -14.44 6.42 4.32
CA ALA B 126 -14.32 6.77 2.91
C ALA B 126 -13.28 5.89 2.22
N VAL B 127 -13.56 5.47 1.00
CA VAL B 127 -12.54 4.80 0.19
C VAL B 127 -11.49 5.85 -0.21
N ALA B 128 -10.30 5.39 -0.55
CA ALA B 128 -9.18 6.29 -0.86
C ALA B 128 -9.45 7.27 -2.00
N SER B 129 -10.28 6.83 -2.94
CA SER B 129 -10.63 7.59 -4.14
C SER B 129 -11.87 8.49 -3.97
N ALA B 130 -12.33 8.62 -2.72
CA ALA B 130 -13.46 9.47 -2.39
C ALA B 130 -13.16 10.93 -2.70
N HIS B 131 -14.21 11.70 -2.97
CA HIS B 131 -14.05 13.12 -3.25
C HIS B 131 -13.64 13.87 -2.01
N ASP B 132 -12.95 14.99 -2.22
CA ASP B 132 -12.34 15.79 -1.13
C ASP B 132 -13.09 15.82 0.21
N VAL B 133 -14.30 16.38 0.19
CA VAL B 133 -15.05 16.61 1.44
C VAL B 133 -15.48 15.31 2.11
N VAL B 134 -15.61 14.26 1.30
CA VAL B 134 -15.99 12.94 1.80
C VAL B 134 -14.82 12.29 2.54
N ARG B 135 -13.62 12.37 1.95
CA ARG B 135 -12.40 11.88 2.62
C ARG B 135 -12.26 12.51 4.00
N GLY B 136 -12.45 13.82 4.09
CA GLY B 136 -12.35 14.54 5.37
C GLY B 136 -13.43 14.15 6.37
N ALA B 137 -14.66 14.01 5.91
CA ALA B 137 -15.79 13.73 6.81
C ALA B 137 -15.77 12.32 7.41
N ALA B 138 -15.07 11.40 6.76
CA ALA B 138 -14.93 10.04 7.26
C ALA B 138 -14.16 10.00 8.58
N ARG B 139 -14.45 8.99 9.39
CA ARG B 139 -13.67 8.72 10.62
C ARG B 139 -12.42 7.91 10.29
N ALA B 140 -12.48 7.11 9.22
CA ALA B 140 -11.31 6.40 8.68
C ALA B 140 -11.33 6.41 7.15
N VAL B 141 -10.14 6.35 6.55
CA VAL B 141 -10.00 6.37 5.10
C VAL B 141 -9.19 5.17 4.66
N THR B 142 -9.72 4.40 3.69
CA THR B 142 -8.96 3.25 3.18
C THR B 142 -7.76 3.72 2.37
N THR B 143 -6.79 2.81 2.22
CA THR B 143 -5.61 3.12 1.43
C THR B 143 -5.82 2.66 0.00
N VAL B 144 -6.74 1.71 -0.17
CA VAL B 144 -7.08 1.14 -1.46
C VAL B 144 -8.30 1.86 -2.04
N PRO B 145 -8.28 2.22 -3.33
CA PRO B 145 -9.41 2.92 -3.94
C PRO B 145 -10.64 2.03 -4.21
N GLY B 146 -11.78 2.66 -4.46
CA GLY B 146 -13.01 1.94 -4.80
C GLY B 146 -12.79 1.09 -6.04
N GLY B 147 -13.26 -0.15 -5.97
CA GLY B 147 -13.15 -1.07 -7.10
C GLY B 147 -11.83 -1.82 -7.14
N ASP B 148 -10.96 -1.54 -6.16
CA ASP B 148 -9.61 -2.12 -6.11
C ASP B 148 -9.42 -3.01 -4.87
N GLY B 149 -10.49 -3.24 -4.12
CA GLY B 149 -10.40 -4.06 -2.92
C GLY B 149 -10.47 -3.31 -1.60
N ALA B 150 -11.11 -2.13 -1.63
CA ALA B 150 -11.28 -1.32 -0.42
C ALA B 150 -12.07 -2.05 0.66
N ILE B 151 -13.08 -2.82 0.27
CA ILE B 151 -13.89 -3.54 1.28
C ILE B 151 -13.10 -4.69 1.90
N ARG B 152 -12.22 -5.32 1.12
CA ARG B 152 -11.32 -6.32 1.72
C ARG B 152 -10.43 -5.67 2.79
N GLU B 153 -9.91 -4.49 2.48
CA GLU B 153 -9.09 -3.77 3.45
C GLU B 153 -9.87 -3.49 4.74
N ILE B 154 -11.12 -3.03 4.60
CA ILE B 154 -11.98 -2.78 5.76
C ILE B 154 -12.23 -4.08 6.54
N ALA B 155 -12.48 -5.17 5.82
CA ALA B 155 -12.68 -6.45 6.47
C ALA B 155 -11.45 -6.84 7.29
N SER B 156 -10.26 -6.52 6.79
CA SER B 156 -9.03 -6.83 7.54
C SER B 156 -8.91 -6.02 8.85
N TRP B 157 -9.42 -4.78 8.85
CA TRP B 157 -9.48 -3.98 10.08
C TRP B 157 -10.32 -4.66 11.17
N ILE B 158 -11.46 -5.19 10.74
CA ILE B 158 -12.45 -5.76 11.63
C ILE B 158 -12.03 -7.17 12.07
N LEU B 159 -11.54 -7.96 11.11
CA LEU B 159 -11.31 -9.39 11.33
C LEU B 159 -9.84 -9.81 11.42
N GLY B 160 -8.93 -8.89 11.19
CA GLY B 160 -7.51 -9.23 11.12
C GLY B 160 -7.09 -9.61 9.71
N PRO B 161 -5.76 -9.67 9.47
CA PRO B 161 -5.15 -9.91 8.15
C PRO B 161 -5.56 -11.22 7.48
N SER B 162 -5.78 -12.28 8.27
CA SER B 162 -6.21 -13.56 7.71
C SER B 162 -7.73 -13.62 7.42
N LEU B 163 -8.45 -12.57 7.82
CA LEU B 163 -9.92 -12.47 7.65
C LEU B 163 -10.68 -13.58 8.40
N ASP B 164 -10.10 -14.02 9.51
CA ASP B 164 -10.70 -15.01 10.39
C ASP B 164 -11.93 -14.44 11.09
N LEU C 3 -20.79 19.55 7.38
CA LEU C 3 -20.01 18.27 7.41
C LEU C 3 -19.17 18.14 6.15
N GLY C 4 -19.80 18.33 5.00
CA GLY C 4 -19.08 18.29 3.74
C GLY C 4 -18.60 19.67 3.32
N ALA C 5 -17.85 20.32 4.22
CA ALA C 5 -17.39 21.69 4.00
C ALA C 5 -15.90 21.86 4.27
N LEU C 6 -15.18 22.32 3.25
CA LEU C 6 -13.78 22.74 3.42
C LEU C 6 -13.75 24.03 4.26
N PRO C 7 -12.60 24.34 4.89
CA PRO C 7 -12.57 25.57 5.67
C PRO C 7 -12.63 26.78 4.76
N THR C 8 -13.21 27.86 5.28
CA THR C 8 -13.26 29.14 4.58
C THR C 8 -12.61 30.22 5.44
N ALA C 9 -12.34 31.37 4.85
CA ALA C 9 -11.76 32.50 5.56
C ALA C 9 -12.57 32.92 6.79
N GLU C 10 -13.89 32.73 6.78
CA GLU C 10 -14.76 33.08 7.92
C GLU C 10 -14.66 32.11 9.10
N ASP C 11 -14.09 30.92 8.86
CA ASP C 11 -14.01 29.87 9.86
C ASP C 11 -12.74 29.95 10.71
N ILE C 12 -11.72 30.63 10.19
CA ILE C 12 -10.41 30.58 10.82
C ILE C 12 -9.76 31.94 11.04
N ASP C 13 -8.91 32.01 12.07
CA ASP C 13 -8.12 33.20 12.36
C ASP C 13 -6.62 32.91 12.28
N ALA C 14 -6.26 31.62 12.23
CA ALA C 14 -4.84 31.21 12.26
C ALA C 14 -4.56 29.99 11.40
N VAL C 15 -3.37 29.93 10.81
CA VAL C 15 -2.94 28.73 10.10
C VAL C 15 -1.59 28.31 10.70
N VAL C 16 -1.55 27.10 11.24
CA VAL C 16 -0.34 26.57 11.87
C VAL C 16 0.13 25.38 11.05
N LEU C 17 1.42 25.37 10.71
CA LEU C 17 1.94 24.38 9.77
C LEU C 17 3.03 23.52 10.39
N ASP C 18 2.86 22.20 10.30
CA ASP C 18 3.99 21.30 10.51
C ASP C 18 5.02 21.56 9.41
N PHE C 19 6.25 21.11 9.63
CA PHE C 19 7.30 21.28 8.60
C PHE C 19 7.62 20.00 7.81
N ASP C 20 8.45 19.11 8.36
CA ASP C 20 8.85 17.92 7.58
C ASP C 20 7.64 17.07 7.24
N GLY C 21 7.49 16.73 5.95
CA GLY C 21 6.38 15.86 5.52
C GLY C 21 5.08 16.57 5.21
N THR C 22 5.03 17.87 5.55
CA THR C 22 3.85 18.71 5.33
C THR C 22 4.20 19.81 4.32
N GLN C 23 5.29 20.52 4.60
CA GLN C 23 5.91 21.46 3.66
C GLN C 23 7.06 20.81 2.88
N THR C 24 7.38 19.56 3.22
CA THR C 24 8.40 18.79 2.50
C THR C 24 7.86 17.40 2.23
N ASP C 25 8.57 16.64 1.41
CA ASP C 25 8.22 15.26 1.13
C ASP C 25 8.80 14.27 2.17
N ASP C 26 9.22 14.79 3.33
CA ASP C 26 9.79 13.96 4.41
C ASP C 26 11.17 13.39 4.11
N ARG C 27 11.79 13.82 3.02
CA ARG C 27 13.16 13.42 2.74
C ARG C 27 14.13 14.49 3.20
N VAL C 28 15.37 14.06 3.49
CA VAL C 28 16.44 14.98 3.87
C VAL C 28 17.66 14.62 3.05
N LEU C 29 18.28 15.61 2.40
CA LEU C 29 19.54 15.37 1.71
C LEU C 29 20.69 15.55 2.71
N ILE C 30 21.62 14.60 2.73
CA ILE C 30 22.73 14.65 3.67
C ILE C 30 24.06 14.60 2.95
N ASP C 31 25.04 15.28 3.54
CA ASP C 31 26.42 15.17 3.08
C ASP C 31 27.26 14.35 4.06
N SER C 32 28.54 14.20 3.76
CA SER C 32 29.43 13.37 4.58
C SER C 32 29.65 13.85 6.02
N ASP C 33 29.38 15.13 6.27
CA ASP C 33 29.51 15.66 7.63
C ASP C 33 28.23 15.51 8.44
N GLY C 34 27.16 15.15 7.75
CA GLY C 34 25.86 15.06 8.39
C GLY C 34 25.10 16.37 8.26
N ARG C 35 25.58 17.28 7.42
CA ARG C 35 24.80 18.49 7.13
C ARG C 35 23.54 18.11 6.37
N GLU C 36 22.43 18.75 6.75
CA GLU C 36 21.12 18.42 6.24
C GLU C 36 20.54 19.53 5.35
N PHE C 37 19.87 19.11 4.28
CA PHE C 37 19.18 20.01 3.36
C PHE C 37 17.80 19.41 3.10
N VAL C 38 16.80 20.25 2.91
CA VAL C 38 15.46 19.75 2.56
C VAL C 38 14.86 20.56 1.42
N SER C 39 13.89 19.99 0.72
CA SER C 39 13.22 20.73 -0.36
C SER C 39 11.89 21.28 0.10
N VAL C 40 11.67 22.57 -0.19
CA VAL C 40 10.37 23.19 0.04
C VAL C 40 9.80 23.57 -1.33
N HIS C 41 8.64 24.22 -1.33
CA HIS C 41 7.88 24.40 -2.55
C HIS C 41 7.48 25.86 -2.72
N ARG C 42 7.77 26.42 -3.89
CA ARG C 42 7.54 27.85 -4.17
C ARG C 42 6.05 28.17 -4.23
N GLY C 43 5.25 27.19 -4.68
CA GLY C 43 3.78 27.32 -4.67
C GLY C 43 3.31 27.48 -3.23
N ASP C 44 3.80 26.63 -2.32
CA ASP C 44 3.53 26.80 -0.88
C ASP C 44 3.89 28.20 -0.39
N GLY C 45 5.07 28.67 -0.79
CA GLY C 45 5.50 30.04 -0.47
C GLY C 45 4.51 31.09 -0.93
N LEU C 46 4.03 30.96 -2.17
CA LEU C 46 3.04 31.90 -2.70
C LEU C 46 1.74 31.89 -1.89
N GLY C 47 1.28 30.68 -1.56
CA GLY C 47 0.05 30.48 -0.79
C GLY C 47 0.18 31.01 0.62
N ILE C 48 1.29 30.69 1.27
CA ILE C 48 1.59 31.23 2.59
C ILE C 48 1.60 32.77 2.60
N ALA C 49 2.26 33.37 1.61
CA ALA C 49 2.27 34.84 1.50
C ALA C 49 0.86 35.44 1.31
N ALA C 50 0.02 34.79 0.53
CA ALA C 50 -1.36 35.26 0.34
C ALA C 50 -2.17 35.13 1.61
N LEU C 51 -2.02 34.00 2.32
CA LEU C 51 -2.71 33.79 3.59
C LEU C 51 -2.26 34.81 4.63
N ARG C 52 -0.96 35.09 4.69
CA ARG C 52 -0.39 36.07 5.63
C ARG C 52 -0.89 37.48 5.29
N LYS C 53 -0.93 37.80 4.00
CA LYS C 53 -1.43 39.10 3.52
C LYS C 53 -2.91 39.31 3.85
N SER C 54 -3.69 38.22 3.84
CA SER C 54 -5.11 38.28 4.20
C SER C 54 -5.36 38.54 5.70
N GLY C 55 -4.29 38.53 6.49
CA GLY C 55 -4.38 38.86 7.91
C GLY C 55 -4.43 37.68 8.87
N LEU C 56 -4.30 36.47 8.35
CA LEU C 56 -4.28 35.28 9.20
C LEU C 56 -2.98 35.21 9.98
N THR C 57 -3.08 34.86 11.25
CA THR C 57 -1.91 34.71 12.12
C THR C 57 -1.30 33.34 11.88
N LEU C 59 2.08 30.31 11.90
CA LEU C 59 3.14 29.73 12.73
C LEU C 59 3.60 28.44 12.08
N ILE C 60 4.91 28.17 12.12
CA ILE C 60 5.41 26.84 11.81
C ILE C 60 5.78 26.17 13.13
N LEU C 61 5.40 24.90 13.26
CA LEU C 61 5.58 24.15 14.50
C LEU C 61 6.17 22.79 14.15
N SER C 62 7.30 22.46 14.77
CA SER C 62 8.05 21.26 14.43
C SER C 62 8.76 20.67 15.65
N THR C 63 8.95 19.35 15.68
CA THR C 63 9.74 18.71 16.77
C THR C 63 11.25 18.63 16.48
N GLU C 64 11.61 18.93 15.24
N GLU C 64 11.67 19.04 15.29
CA GLU C 64 12.99 18.77 14.79
CA GLU C 64 12.89 18.49 14.65
C GLU C 64 13.83 19.93 15.23
C GLU C 64 14.28 19.09 14.95
N GLN C 65 15.02 19.63 15.74
N GLN C 65 14.40 20.12 15.78
CA GLN C 65 16.03 20.66 15.90
CA GLN C 65 15.72 20.75 15.96
C GLN C 65 16.37 21.13 14.50
C GLN C 65 16.17 21.33 14.61
N ASN C 66 15.41 20.95 13.58
CA ASN C 66 15.61 21.21 12.16
C ASN C 66 16.48 22.40 11.87
N PRO C 67 17.68 22.14 11.33
CA PRO C 67 18.68 23.17 11.04
C PRO C 67 18.14 24.24 10.11
N VAL C 68 17.08 23.92 9.39
CA VAL C 68 16.70 24.66 8.19
C VAL C 68 15.31 25.30 8.35
N VAL C 69 14.56 24.89 9.37
CA VAL C 69 13.18 25.34 9.50
C VAL C 69 13.13 26.82 9.86
N ALA C 70 14.09 27.28 10.66
CA ALA C 70 14.18 28.69 11.03
C ALA C 70 14.51 29.55 9.81
N ALA C 71 15.39 29.05 8.94
CA ALA C 71 15.73 29.73 7.68
C ALA C 71 14.50 29.86 6.77
N ARG C 72 13.72 28.78 6.70
CA ARG C 72 12.49 28.80 5.89
C ARG C 72 11.47 29.78 6.49
N ALA C 73 11.28 29.73 7.80
CA ALA C 73 10.37 30.64 8.49
C ALA C 73 10.73 32.11 8.21
N ARG C 74 12.03 32.39 8.20
CA ARG C 74 12.55 33.74 7.99
C ARG C 74 12.19 34.22 6.58
N LYS C 75 12.37 33.34 5.60
CA LYS C 75 11.99 33.63 4.20
C LYS C 75 10.49 33.93 4.07
N LEU C 76 9.67 33.13 4.74
CA LEU C 76 8.21 33.26 4.70
C LEU C 76 7.68 34.39 5.58
N LYS C 77 8.55 34.97 6.40
CA LYS C 77 8.21 36.06 7.33
C LYS C 77 7.15 35.66 8.36
N ILE C 78 7.22 34.42 8.82
CA ILE C 78 6.32 33.90 9.86
C ILE C 78 7.13 33.28 10.99
N PRO C 79 6.59 33.29 12.23
CA PRO C 79 7.34 32.74 13.37
C PRO C 79 7.46 31.23 13.30
N VAL C 80 8.48 30.69 13.97
CA VAL C 80 8.70 29.25 14.05
C VAL C 80 8.97 28.81 15.49
N LEU C 81 8.44 27.65 15.86
CA LEU C 81 8.76 26.99 17.11
C LEU C 81 9.18 25.59 16.70
N HIS C 82 10.42 25.21 17.02
CA HIS C 82 10.94 23.90 16.67
C HIS C 82 11.83 23.32 17.77
N GLY C 83 12.14 22.02 17.66
CA GLY C 83 12.85 21.32 18.74
C GLY C 83 12.01 21.29 20.01
N ILE C 84 10.77 20.82 19.87
CA ILE C 84 9.80 20.77 20.95
C ILE C 84 9.24 19.34 20.99
N ASP C 85 9.27 18.70 22.17
CA ASP C 85 8.72 17.33 22.23
C ASP C 85 7.21 17.28 22.43
N ARG C 86 6.61 18.38 22.90
CA ARG C 86 5.16 18.47 23.08
C ARG C 86 4.55 19.61 22.24
N LYS C 87 4.41 19.37 20.94
CA LYS C 87 3.80 20.33 20.02
C LYS C 87 2.45 20.83 20.48
N ASP C 88 1.64 19.92 21.02
CA ASP C 88 0.31 20.30 21.50
C ASP C 88 0.35 21.38 22.60
N LEU C 89 1.27 21.23 23.55
CA LEU C 89 1.40 22.23 24.62
C LEU C 89 1.96 23.55 24.09
N ALA C 90 2.88 23.47 23.15
CA ALA C 90 3.40 24.64 22.45
C ALA C 90 2.28 25.38 21.73
N LEU C 91 1.44 24.61 21.03
CA LEU C 91 0.31 25.20 20.31
C LEU C 91 -0.68 25.88 21.28
N LYS C 92 -1.04 25.18 22.35
CA LYS C 92 -1.96 25.73 23.34
C LYS C 92 -1.40 27.05 23.92
N GLN C 93 -0.12 27.05 24.31
CA GLN C 93 0.58 28.25 24.80
C GLN C 93 0.54 29.39 23.78
N TRP C 94 0.87 29.08 22.53
CA TRP C 94 0.85 30.07 21.44
C TRP C 94 -0.54 30.67 21.22
N CYS C 95 -1.57 29.81 21.21
CA CYS C 95 -2.96 30.27 21.11
C CYS C 95 -3.30 31.26 22.23
N GLU C 96 -2.94 30.91 23.45
CA GLU C 96 -3.15 31.77 24.62
C GLU C 96 -2.43 33.11 24.48
N GLU C 97 -1.18 33.07 24.02
CA GLU C 97 -0.37 34.28 23.82
C GLU C 97 -0.92 35.16 22.69
N GLN C 98 -1.48 34.52 21.66
CA GLN C 98 -2.00 35.24 20.50
C GLN C 98 -3.45 35.71 20.65
N GLY C 99 -4.15 35.19 21.66
CA GLY C 99 -5.58 35.48 21.85
C GLY C 99 -6.42 34.86 20.75
N ILE C 100 -5.96 33.72 20.26
CA ILE C 100 -6.65 32.96 19.22
C ILE C 100 -7.35 31.76 19.86
N ALA C 101 -8.62 31.59 19.56
CA ALA C 101 -9.37 30.42 20.01
C ALA C 101 -8.96 29.21 19.17
N PRO C 102 -8.62 28.08 19.84
CA PRO C 102 -8.17 26.86 19.14
C PRO C 102 -9.20 26.38 18.13
N GLU C 103 -10.48 26.63 18.41
CA GLU C 103 -11.56 26.28 17.50
C GLU C 103 -11.42 26.98 16.12
N ARG C 104 -10.73 28.11 16.11
CA ARG C 104 -10.54 28.93 14.90
C ARG C 104 -9.15 28.75 14.27
N VAL C 105 -8.48 27.64 14.61
CA VAL C 105 -7.14 27.36 14.08
C VAL C 105 -7.21 26.22 13.08
N LEU C 106 -6.61 26.45 11.92
CA LEU C 106 -6.38 25.43 10.93
C LEU C 106 -4.94 24.95 11.15
N TYR C 107 -4.79 23.65 11.43
CA TYR C 107 -3.50 23.05 11.69
C TYR C 107 -3.27 21.96 10.65
N VAL C 108 -2.12 22.02 9.98
CA VAL C 108 -1.81 21.09 8.88
C VAL C 108 -0.68 20.15 9.30
N GLY C 109 -0.92 18.85 9.22
CA GLY C 109 0.13 17.89 9.59
C GLY C 109 0.15 16.62 8.77
N ASN C 110 1.04 15.69 9.12
CA ASN C 110 1.20 14.48 8.31
C ASN C 110 1.45 13.18 9.10
N ASP C 111 1.70 13.27 10.40
CA ASP C 111 2.17 12.07 11.12
C ASP C 111 1.55 11.95 12.52
N VAL C 112 1.82 10.84 13.19
CA VAL C 112 1.15 10.54 14.45
C VAL C 112 1.44 11.56 15.56
N ASN C 113 2.60 12.23 15.47
CA ASN C 113 2.93 13.25 16.47
C ASN C 113 2.11 14.53 16.28
N ASP C 114 1.30 14.59 15.21
CA ASP C 114 0.35 15.67 15.00
C ASP C 114 -1.01 15.40 15.62
N LEU C 115 -1.29 14.16 16.02
CA LEU C 115 -2.64 13.83 16.50
C LEU C 115 -3.08 14.62 17.75
N PRO C 116 -2.16 14.85 18.71
CA PRO C 116 -2.57 15.69 19.85
C PRO C 116 -2.92 17.13 19.44
N CYS C 117 -2.21 17.68 18.45
CA CYS C 117 -2.55 19.00 17.90
C CYS C 117 -3.91 18.95 17.19
N PHE C 118 -4.12 17.89 16.41
CA PHE C 118 -5.40 17.67 15.72
C PHE C 118 -6.56 17.73 16.71
N ALA C 119 -6.40 17.08 17.85
CA ALA C 119 -7.41 17.08 18.92
C ALA C 119 -7.73 18.46 19.50
N LEU C 120 -6.77 19.38 19.45
CA LEU C 120 -6.93 20.67 20.11
C LEU C 120 -7.62 21.71 19.22
N VAL C 121 -7.50 21.56 17.91
CA VAL C 121 -7.96 22.62 17.00
C VAL C 121 -9.28 22.31 16.35
N GLY C 122 -9.94 23.35 15.83
CA GLY C 122 -11.19 23.18 15.11
C GLY C 122 -11.03 22.57 13.72
N TRP C 123 -9.93 22.94 13.04
CA TRP C 123 -9.74 22.55 11.65
C TRP C 123 -8.41 21.79 11.42
N PRO C 124 -8.31 20.54 11.92
CA PRO C 124 -7.14 19.72 11.60
C PRO C 124 -7.19 19.29 10.12
N VAL C 125 -6.08 19.48 9.42
CA VAL C 125 -5.97 19.13 7.99
C VAL C 125 -4.78 18.19 7.81
N ALA C 126 -5.00 17.08 7.11
CA ALA C 126 -3.90 16.17 6.77
C ALA C 126 -3.52 16.38 5.33
N VAL C 127 -2.23 16.31 5.04
CA VAL C 127 -1.74 16.27 3.65
C VAL C 127 -2.05 14.89 3.08
N ALA C 128 -2.13 14.79 1.76
CA ALA C 128 -2.52 13.54 1.07
C ALA C 128 -1.63 12.35 1.45
N SER C 129 -0.35 12.65 1.67
CA SER C 129 0.68 11.66 1.98
C SER C 129 0.77 11.35 3.47
N ALA C 130 -0.19 11.84 4.27
CA ALA C 130 -0.16 11.61 5.72
C ALA C 130 -0.25 10.12 6.09
N HIS C 131 0.32 9.78 7.24
CA HIS C 131 0.11 8.47 7.86
C HIS C 131 -1.39 8.13 7.80
N ASP C 132 -1.74 6.87 7.59
CA ASP C 132 -3.17 6.49 7.39
C ASP C 132 -4.14 6.98 8.47
N VAL C 133 -3.74 6.87 9.74
CA VAL C 133 -4.57 7.25 10.90
C VAL C 133 -4.80 8.77 10.93
N VAL C 134 -3.80 9.52 10.45
CA VAL C 134 -3.83 10.97 10.46
C VAL C 134 -4.79 11.47 9.38
N ARG C 135 -4.80 10.78 8.25
CA ARG C 135 -5.75 11.08 7.18
C ARG C 135 -7.19 10.98 7.69
N GLY C 136 -7.49 9.91 8.41
CA GLY C 136 -8.82 9.74 9.02
C GLY C 136 -9.14 10.75 10.11
N ALA C 137 -8.16 11.03 10.97
CA ALA C 137 -8.32 11.96 12.09
C ALA C 137 -8.59 13.41 11.70
N ALA C 138 -8.17 13.78 10.50
CA ALA C 138 -8.31 15.16 10.00
C ALA C 138 -9.76 15.49 9.68
N ARG C 139 -10.07 16.77 9.65
CA ARG C 139 -11.39 17.29 9.27
C ARG C 139 -11.41 17.52 7.76
N ALA C 140 -10.23 17.72 7.18
CA ALA C 140 -10.10 17.84 5.73
C ALA C 140 -8.77 17.24 5.30
N VAL C 141 -8.70 16.77 4.06
CA VAL C 141 -7.48 16.13 3.52
C VAL C 141 -7.15 16.74 2.17
N THR C 142 -5.91 17.20 1.99
CA THR C 142 -5.50 17.78 0.70
C THR C 142 -5.40 16.66 -0.35
N THR C 143 -5.49 17.04 -1.62
CA THR C 143 -5.30 16.09 -2.70
C THR C 143 -3.82 15.98 -3.08
N VAL C 144 -3.05 17.05 -2.83
CA VAL C 144 -1.61 17.01 -3.14
C VAL C 144 -0.78 16.67 -1.89
N PRO C 145 0.28 15.88 -2.07
CA PRO C 145 1.07 15.45 -0.91
C PRO C 145 2.03 16.51 -0.39
N GLY C 146 2.57 16.26 0.82
CA GLY C 146 3.59 17.12 1.40
C GLY C 146 4.75 17.34 0.44
N GLY C 147 5.19 18.59 0.31
CA GLY C 147 6.31 18.93 -0.55
C GLY C 147 5.93 19.25 -2.00
N ASP C 148 4.66 19.00 -2.34
CA ASP C 148 4.17 19.10 -3.71
C ASP C 148 3.20 20.26 -3.85
N GLY C 149 3.10 21.09 -2.81
CA GLY C 149 2.19 22.24 -2.87
C GLY C 149 0.90 22.06 -2.09
N ALA C 150 0.97 21.31 -0.98
CA ALA C 150 -0.23 21.06 -0.16
C ALA C 150 -0.76 22.34 0.50
N ILE C 151 0.16 23.20 0.89
CA ILE C 151 -0.22 24.48 1.51
C ILE C 151 -0.80 25.45 0.46
N ARG C 152 -0.23 25.41 -0.74
CA ARG C 152 -0.77 26.15 -1.87
C ARG C 152 -2.24 25.76 -2.14
N GLU C 153 -2.53 24.46 -2.02
CA GLU C 153 -3.88 23.95 -2.22
C GLU C 153 -4.82 24.43 -1.11
N ILE C 154 -4.35 24.38 0.13
CA ILE C 154 -5.13 24.92 1.25
C ILE C 154 -5.39 26.42 1.08
N ALA C 155 -4.40 27.16 0.61
CA ALA C 155 -4.57 28.59 0.37
C ALA C 155 -5.75 28.87 -0.58
N SER C 156 -5.90 28.03 -1.61
CA SER C 156 -7.02 28.18 -2.55
C SER C 156 -8.38 27.85 -1.92
N TRP C 157 -8.42 26.96 -0.93
CA TRP C 157 -9.67 26.71 -0.19
C TRP C 157 -10.13 27.98 0.49
N ILE C 158 -9.18 28.65 1.15
CA ILE C 158 -9.45 29.82 1.96
C ILE C 158 -9.67 31.07 1.10
N LEU C 159 -8.86 31.22 0.05
CA LEU C 159 -8.80 32.48 -0.72
C LEU C 159 -9.33 32.40 -2.15
N GLY C 160 -9.75 31.21 -2.58
CA GLY C 160 -10.27 31.00 -3.94
C GLY C 160 -9.14 30.65 -4.90
N PRO C 161 -9.51 30.14 -6.10
CA PRO C 161 -8.51 29.63 -7.06
C PRO C 161 -7.45 30.67 -7.47
N SER C 162 -7.83 31.95 -7.48
CA SER C 162 -6.91 33.00 -7.89
C SER C 162 -6.15 33.61 -6.70
N LEU C 163 -6.43 33.12 -5.50
CA LEU C 163 -5.83 33.62 -4.25
C LEU C 163 -6.11 35.11 -4.01
N ASP C 164 -7.27 35.56 -4.48
CA ASP C 164 -7.65 36.97 -4.40
C ASP C 164 -8.93 37.15 -3.57
N SER D 2 21.88 -21.12 -7.25
CA SER D 2 21.94 -19.63 -7.44
C SER D 2 20.66 -18.95 -6.91
N LEU D 3 20.79 -18.35 -5.73
CA LEU D 3 19.65 -17.78 -5.02
C LEU D 3 18.98 -16.70 -5.88
N GLY D 4 17.66 -16.82 -6.03
CA GLY D 4 16.86 -15.80 -6.72
C GLY D 4 16.80 -15.97 -8.23
N ALA D 5 17.58 -16.91 -8.78
CA ALA D 5 17.59 -17.13 -10.22
C ALA D 5 16.18 -17.33 -10.78
N LEU D 6 15.93 -16.74 -11.94
CA LEU D 6 14.66 -16.93 -12.63
C LEU D 6 14.63 -18.34 -13.25
N PRO D 7 13.43 -18.92 -13.42
CA PRO D 7 13.33 -20.25 -14.03
C PRO D 7 13.76 -20.20 -15.50
N THR D 8 14.34 -21.30 -15.98
CA THR D 8 14.66 -21.45 -17.39
C THR D 8 13.99 -22.72 -17.88
N ALA D 9 14.01 -22.92 -19.20
CA ALA D 9 13.45 -24.13 -19.82
C ALA D 9 13.96 -25.44 -19.24
N GLU D 10 15.20 -25.47 -18.76
CA GLU D 10 15.80 -26.70 -18.21
C GLU D 10 15.28 -27.06 -16.83
N ASP D 11 14.74 -26.06 -16.14
CA ASP D 11 14.29 -26.21 -14.74
C ASP D 11 12.93 -26.85 -14.60
N ILE D 12 12.10 -26.72 -15.63
CA ILE D 12 10.70 -27.07 -15.51
C ILE D 12 10.17 -27.98 -16.62
N ASP D 13 9.18 -28.79 -16.28
CA ASP D 13 8.47 -29.62 -17.26
C ASP D 13 7.01 -29.24 -17.42
N ALA D 14 6.49 -28.44 -16.49
CA ALA D 14 5.08 -28.08 -16.48
C ALA D 14 4.85 -26.63 -16.05
N VAL D 15 3.81 -26.00 -16.58
CA VAL D 15 3.39 -24.66 -16.16
C VAL D 15 1.90 -24.70 -15.78
N VAL D 16 1.62 -24.46 -14.51
CA VAL D 16 0.26 -24.49 -14.00
C VAL D 16 -0.15 -23.08 -13.60
N LEU D 17 -1.30 -22.65 -14.10
CA LEU D 17 -1.75 -21.26 -13.91
C LEU D 17 -3.05 -21.16 -13.10
N ASP D 18 -3.02 -20.36 -12.06
CA ASP D 18 -4.23 -19.83 -11.45
C ASP D 18 -4.94 -18.92 -12.48
N PHE D 19 -6.23 -18.64 -12.30
CA PHE D 19 -6.97 -17.82 -13.27
C PHE D 19 -7.26 -16.40 -12.78
N ASP D 20 -8.30 -16.23 -11.96
CA ASP D 20 -8.64 -14.87 -11.48
C ASP D 20 -7.48 -14.26 -10.69
N GLY D 21 -7.06 -13.06 -11.10
CA GLY D 21 -6.04 -12.34 -10.36
C GLY D 21 -4.63 -12.64 -10.89
N THR D 22 -4.55 -13.67 -11.72
CA THR D 22 -3.28 -14.15 -12.28
C THR D 22 -3.25 -13.93 -13.79
N GLN D 23 -4.28 -14.46 -14.47
CA GLN D 23 -4.52 -14.14 -15.89
C GLN D 23 -5.50 -12.98 -16.03
N THR D 24 -6.03 -12.51 -14.91
CA THR D 24 -6.94 -11.34 -14.89
C THR D 24 -6.50 -10.39 -13.80
N ASP D 25 -7.06 -9.18 -13.80
CA ASP D 25 -6.80 -8.18 -12.76
C ASP D 25 -7.66 -8.38 -11.49
N ASP D 26 -8.27 -9.58 -11.37
CA ASP D 26 -9.10 -9.95 -10.22
C ASP D 26 -10.44 -9.19 -10.16
N ARG D 27 -10.78 -8.51 -11.24
CA ARG D 27 -12.10 -7.92 -11.35
C ARG D 27 -13.03 -8.75 -12.24
N VAL D 28 -14.33 -8.52 -12.06
CA VAL D 28 -15.37 -9.18 -12.84
C VAL D 28 -16.34 -8.10 -13.33
N LEU D 29 -16.61 -8.09 -14.63
CA LEU D 29 -17.67 -7.24 -15.16
C LEU D 29 -18.99 -8.00 -15.03
N ILE D 30 -19.98 -7.34 -14.44
CA ILE D 30 -21.30 -7.95 -14.23
C ILE D 30 -22.36 -7.05 -14.85
N ASP D 31 -23.37 -7.66 -15.47
CA ASP D 31 -24.45 -6.88 -16.04
C ASP D 31 -25.72 -6.91 -15.19
N SER D 32 -26.73 -6.19 -15.67
CA SER D 32 -28.02 -6.05 -15.01
C SER D 32 -28.63 -7.40 -14.60
N ASP D 33 -28.32 -8.47 -15.33
CA ASP D 33 -28.87 -9.81 -15.07
C ASP D 33 -27.93 -10.80 -14.37
N GLY D 34 -26.76 -10.34 -13.96
CA GLY D 34 -25.83 -11.20 -13.24
C GLY D 34 -24.84 -11.97 -14.09
N ARG D 35 -24.87 -11.77 -15.41
CA ARG D 35 -23.84 -12.35 -16.29
C ARG D 35 -22.49 -11.78 -15.91
N GLU D 36 -21.48 -12.65 -15.88
CA GLU D 36 -20.12 -12.26 -15.52
C GLU D 36 -19.19 -12.31 -16.73
N PHE D 37 -18.32 -11.30 -16.84
CA PHE D 37 -17.29 -11.23 -17.87
C PHE D 37 -15.97 -10.95 -17.16
N VAL D 38 -14.86 -11.42 -17.73
CA VAL D 38 -13.53 -11.07 -17.20
C VAL D 38 -12.61 -10.62 -18.33
N SER D 39 -11.60 -9.83 -18.00
CA SER D 39 -10.63 -9.40 -19.02
C SER D 39 -9.37 -10.24 -18.92
N VAL D 40 -8.97 -10.83 -20.04
CA VAL D 40 -7.72 -11.54 -20.16
C VAL D 40 -6.79 -10.72 -21.08
N HIS D 41 -5.60 -11.24 -21.35
CA HIS D 41 -4.58 -10.45 -22.07
C HIS D 41 -4.00 -11.25 -23.24
N ARG D 42 -3.92 -10.61 -24.42
CA ARG D 42 -3.46 -11.27 -25.65
C ARG D 42 -1.98 -11.63 -25.59
N GLY D 43 -1.20 -10.82 -24.88
CA GLY D 43 0.20 -11.13 -24.60
C GLY D 43 0.34 -12.42 -23.81
N ASP D 44 -0.46 -12.59 -22.76
CA ASP D 44 -0.52 -13.87 -22.03
C ASP D 44 -0.83 -15.02 -23.00
N GLY D 45 -1.80 -14.80 -23.88
CA GLY D 45 -2.20 -15.81 -24.85
C GLY D 45 -1.04 -16.24 -25.74
N LEU D 46 -0.25 -15.28 -26.17
CA LEU D 46 0.89 -15.56 -27.04
C LEU D 46 1.97 -16.28 -26.25
N GLY D 47 2.18 -15.86 -25.01
CA GLY D 47 3.14 -16.49 -24.11
C GLY D 47 2.77 -17.95 -23.82
N ILE D 48 1.52 -18.17 -23.48
CA ILE D 48 1.01 -19.52 -23.20
C ILE D 48 1.16 -20.43 -24.43
N ALA D 49 0.80 -19.93 -25.60
CA ALA D 49 0.93 -20.72 -26.83
C ALA D 49 2.40 -21.05 -27.11
N ALA D 50 3.29 -20.10 -26.85
CA ALA D 50 4.72 -20.31 -27.03
C ALA D 50 5.27 -21.36 -26.07
N LEU D 51 4.85 -21.30 -24.80
CA LEU D 51 5.23 -22.31 -23.81
C LEU D 51 4.71 -23.71 -24.21
N ARG D 52 3.46 -23.78 -24.63
CA ARG D 52 2.85 -25.03 -25.09
C ARG D 52 3.60 -25.61 -26.30
N LYS D 53 3.91 -24.76 -27.27
CA LYS D 53 4.67 -25.19 -28.46
C LYS D 53 6.06 -25.71 -28.11
N SER D 54 6.62 -25.22 -27.01
CA SER D 54 7.93 -25.67 -26.55
C SER D 54 7.89 -27.06 -25.88
N GLY D 55 6.69 -27.63 -25.73
CA GLY D 55 6.55 -28.98 -25.19
C GLY D 55 6.30 -29.05 -23.69
N LEU D 56 6.07 -27.90 -23.07
CA LEU D 56 5.75 -27.87 -21.64
C LEU D 56 4.33 -28.34 -21.43
N THR D 57 4.13 -29.14 -20.38
CA THR D 57 2.78 -29.56 -20.01
C THR D 57 2.04 -28.43 -19.28
N LEU D 59 -1.55 -26.32 -17.74
CA LEU D 59 -2.77 -26.54 -16.97
C LEU D 59 -3.25 -25.24 -16.33
N ILE D 60 -4.56 -24.99 -16.43
CA ILE D 60 -5.20 -23.97 -15.63
C ILE D 60 -5.95 -24.63 -14.49
N LEU D 61 -5.66 -24.15 -13.27
CA LEU D 61 -6.22 -24.70 -12.05
C LEU D 61 -7.02 -23.62 -11.33
N SER D 62 -8.29 -23.92 -11.00
CA SER D 62 -9.14 -22.95 -10.29
C SER D 62 -10.16 -23.60 -9.34
N THR D 63 -10.49 -22.87 -8.28
CA THR D 63 -11.42 -23.31 -7.23
C THR D 63 -12.89 -23.16 -7.65
N GLU D 64 -13.18 -22.16 -8.48
CA GLU D 64 -14.56 -21.75 -8.70
C GLU D 64 -15.27 -22.37 -9.92
N GLN D 65 -16.60 -22.49 -9.82
CA GLN D 65 -17.42 -23.11 -10.85
C GLN D 65 -17.59 -22.28 -12.12
N ASN D 66 -17.39 -20.96 -12.01
CA ASN D 66 -17.54 -20.02 -13.13
C ASN D 66 -16.94 -20.56 -14.43
N PRO D 67 -17.79 -20.80 -15.45
CA PRO D 67 -17.33 -21.47 -16.67
C PRO D 67 -16.42 -20.62 -17.56
N VAL D 68 -16.26 -19.34 -17.24
CA VAL D 68 -15.42 -18.44 -18.04
C VAL D 68 -13.99 -18.99 -18.14
N VAL D 69 -13.51 -19.60 -17.05
CA VAL D 69 -12.16 -20.18 -17.03
C VAL D 69 -11.98 -21.26 -18.11
N ALA D 70 -12.99 -22.14 -18.24
CA ALA D 70 -12.94 -23.19 -19.24
C ALA D 70 -12.98 -22.62 -20.65
N ALA D 71 -13.73 -21.54 -20.82
CA ALA D 71 -13.85 -20.87 -22.11
C ALA D 71 -12.48 -20.32 -22.53
N ARG D 72 -11.74 -19.75 -21.57
CA ARG D 72 -10.38 -19.28 -21.81
C ARG D 72 -9.46 -20.46 -22.12
N ALA D 73 -9.58 -21.52 -21.32
CA ALA D 73 -8.75 -22.71 -21.48
C ALA D 73 -8.97 -23.32 -22.88
N ARG D 74 -10.23 -23.29 -23.34
CA ARG D 74 -10.60 -23.80 -24.67
C ARG D 74 -9.90 -23.03 -25.78
N LYS D 75 -9.97 -21.70 -25.71
CA LYS D 75 -9.32 -20.84 -26.70
C LYS D 75 -7.80 -21.03 -26.71
N LEU D 76 -7.22 -21.24 -25.53
CA LEU D 76 -5.78 -21.45 -25.40
C LEU D 76 -5.34 -22.90 -25.73
N LYS D 77 -6.30 -23.80 -25.92
CA LYS D 77 -6.02 -25.22 -26.17
C LYS D 77 -5.22 -25.89 -25.03
N ILE D 78 -5.55 -25.55 -23.79
CA ILE D 78 -4.91 -26.16 -22.63
C ILE D 78 -5.96 -26.69 -21.64
N PRO D 79 -5.63 -27.79 -20.92
CA PRO D 79 -6.62 -28.38 -20.03
C PRO D 79 -6.95 -27.51 -18.83
N VAL D 80 -8.15 -27.70 -18.30
CA VAL D 80 -8.57 -27.05 -17.07
C VAL D 80 -8.84 -28.09 -15.99
N LEU D 81 -8.52 -27.73 -14.75
CA LEU D 81 -8.89 -28.49 -13.58
C LEU D 81 -9.50 -27.45 -12.64
N HIS D 82 -10.84 -27.32 -12.68
CA HIS D 82 -11.50 -26.27 -11.91
C HIS D 82 -12.80 -26.73 -11.21
N GLY D 83 -13.33 -25.86 -10.34
CA GLY D 83 -14.45 -26.20 -9.47
C GLY D 83 -14.02 -27.14 -8.34
N ILE D 84 -12.76 -27.03 -7.94
CA ILE D 84 -12.08 -28.00 -7.07
C ILE D 84 -12.21 -27.63 -5.60
N ASP D 85 -12.54 -28.62 -4.77
CA ASP D 85 -12.53 -28.47 -3.31
C ASP D 85 -11.15 -27.97 -2.82
N ARG D 86 -10.15 -28.84 -2.89
CA ARG D 86 -8.80 -28.49 -2.46
C ARG D 86 -7.78 -28.45 -3.60
N LYS D 87 -7.38 -27.23 -3.92
CA LYS D 87 -6.55 -26.91 -5.07
C LYS D 87 -5.24 -27.70 -5.06
N ASP D 88 -4.52 -27.62 -3.95
CA ASP D 88 -3.22 -28.26 -3.80
C ASP D 88 -3.25 -29.78 -3.95
N LEU D 89 -4.28 -30.44 -3.41
CA LEU D 89 -4.45 -31.89 -3.56
C LEU D 89 -4.70 -32.28 -5.00
N ALA D 90 -5.51 -31.48 -5.70
CA ALA D 90 -5.79 -31.69 -7.10
C ALA D 90 -4.49 -31.60 -7.90
N LEU D 91 -3.66 -30.64 -7.54
CA LEU D 91 -2.36 -30.43 -8.18
C LEU D 91 -1.36 -31.55 -7.89
N LYS D 92 -1.29 -31.98 -6.63
CA LYS D 92 -0.38 -33.07 -6.25
C LYS D 92 -0.70 -34.34 -7.04
N GLN D 93 -1.99 -34.68 -7.11
CA GLN D 93 -2.49 -35.84 -7.85
C GLN D 93 -2.21 -35.71 -9.36
N TRP D 94 -2.46 -34.53 -9.92
CA TRP D 94 -2.22 -34.29 -11.34
C TRP D 94 -0.74 -34.49 -11.69
N CYS D 95 0.16 -33.93 -10.89
CA CYS D 95 1.60 -34.13 -11.06
C CYS D 95 1.97 -35.61 -11.09
N GLU D 96 1.44 -36.35 -10.12
CA GLU D 96 1.68 -37.79 -10.02
C GLU D 96 1.24 -38.52 -11.29
N GLU D 97 0.05 -38.16 -11.78
CA GLU D 97 -0.57 -38.80 -12.92
C GLU D 97 0.11 -38.49 -14.23
N GLN D 98 0.72 -37.31 -14.30
CA GLN D 98 1.45 -36.91 -15.51
C GLN D 98 2.88 -37.44 -15.52
N GLY D 99 3.31 -38.00 -14.40
CA GLY D 99 4.69 -38.45 -14.22
C GLY D 99 5.66 -37.28 -14.13
N ILE D 100 5.17 -36.17 -13.57
CA ILE D 100 5.98 -34.95 -13.44
C ILE D 100 6.32 -34.69 -11.98
N ALA D 101 7.61 -34.53 -11.71
CA ALA D 101 8.12 -34.23 -10.39
C ALA D 101 7.72 -32.80 -10.00
N PRO D 102 7.04 -32.64 -8.84
CA PRO D 102 6.58 -31.32 -8.38
C PRO D 102 7.70 -30.29 -8.32
N GLU D 103 8.93 -30.76 -8.10
CA GLU D 103 10.11 -29.88 -8.09
C GLU D 103 10.37 -29.20 -9.44
N ARG D 104 9.76 -29.74 -10.50
CA ARG D 104 9.95 -29.21 -11.86
C ARG D 104 8.64 -28.62 -12.40
N VAL D 105 7.77 -28.21 -11.48
CA VAL D 105 6.53 -27.54 -11.84
C VAL D 105 6.63 -26.05 -11.49
N LEU D 106 6.22 -25.23 -12.44
CA LEU D 106 6.08 -23.79 -12.22
C LEU D 106 4.60 -23.51 -12.01
N TYR D 107 4.26 -22.94 -10.85
CA TYR D 107 2.88 -22.58 -10.57
C TYR D 107 2.78 -21.08 -10.35
N VAL D 108 1.83 -20.44 -11.04
CA VAL D 108 1.64 -18.99 -10.92
C VAL D 108 0.35 -18.67 -10.18
N GLY D 109 0.45 -17.84 -9.15
CA GLY D 109 -0.73 -17.43 -8.38
C GLY D 109 -0.66 -16.03 -7.84
N ASN D 110 -1.69 -15.62 -7.11
CA ASN D 110 -1.82 -14.23 -6.65
C ASN D 110 -2.40 -14.06 -5.24
N ASP D 111 -2.97 -15.11 -4.64
CA ASP D 111 -3.68 -14.92 -3.37
C ASP D 111 -3.39 -15.99 -2.33
N VAL D 112 -3.84 -15.78 -1.10
CA VAL D 112 -3.50 -16.70 0.00
C VAL D 112 -3.96 -18.14 -0.22
N ASN D 113 -5.02 -18.33 -1.00
CA ASN D 113 -5.45 -19.69 -1.33
C ASN D 113 -4.49 -20.40 -2.29
N ASP D 114 -3.47 -19.70 -2.78
CA ASP D 114 -2.43 -20.32 -3.60
C ASP D 114 -1.22 -20.83 -2.79
N LEU D 115 -1.17 -20.45 -1.52
CA LEU D 115 0.00 -20.77 -0.70
C LEU D 115 0.25 -22.28 -0.56
N PRO D 116 -0.81 -23.08 -0.38
CA PRO D 116 -0.57 -24.53 -0.35
C PRO D 116 -0.03 -25.11 -1.68
N CYS D 117 -0.43 -24.55 -2.81
CA CYS D 117 0.14 -24.96 -4.10
C CYS D 117 1.61 -24.54 -4.19
N PHE D 118 1.90 -23.32 -3.74
CA PHE D 118 3.26 -22.78 -3.68
C PHE D 118 4.18 -23.75 -2.93
N ALA D 119 3.72 -24.24 -1.77
CA ALA D 119 4.49 -25.19 -0.93
C ALA D 119 4.76 -26.53 -1.63
N LEU D 120 3.83 -26.94 -2.48
CA LEU D 120 3.92 -28.19 -3.22
C LEU D 120 4.98 -28.19 -4.33
N VAL D 121 5.16 -27.06 -5.02
CA VAL D 121 5.91 -27.05 -6.28
C VAL D 121 7.30 -26.45 -6.15
N GLY D 122 8.15 -26.77 -7.12
CA GLY D 122 9.54 -26.29 -7.14
C GLY D 122 9.64 -24.81 -7.45
N TRP D 123 8.78 -24.33 -8.33
CA TRP D 123 8.89 -22.97 -8.84
C TRP D 123 7.60 -22.16 -8.68
N PRO D 124 7.26 -21.76 -7.43
CA PRO D 124 6.08 -20.93 -7.26
C PRO D 124 6.40 -19.51 -7.72
N VAL D 125 5.48 -18.91 -8.47
CA VAL D 125 5.67 -17.56 -9.02
C VAL D 125 4.47 -16.69 -8.67
N ALA D 126 4.73 -15.50 -8.14
CA ALA D 126 3.66 -14.58 -7.80
C ALA D 126 3.63 -13.49 -8.85
N VAL D 127 2.42 -13.11 -9.28
CA VAL D 127 2.26 -11.91 -10.11
C VAL D 127 2.55 -10.67 -9.26
N ALA D 128 2.92 -9.56 -9.91
CA ALA D 128 3.29 -8.32 -9.22
C ALA D 128 2.20 -7.83 -8.28
N SER D 129 0.94 -8.06 -8.69
CA SER D 129 -0.23 -7.60 -7.94
C SER D 129 -0.69 -8.57 -6.85
N ALA D 130 0.09 -9.62 -6.60
CA ALA D 130 -0.30 -10.63 -5.60
C ALA D 130 -0.38 -10.04 -4.19
N HIS D 131 -1.20 -10.67 -3.36
CA HIS D 131 -1.24 -10.39 -1.92
C HIS D 131 0.19 -10.37 -1.34
N ASP D 132 0.44 -9.48 -0.38
CA ASP D 132 1.79 -9.30 0.15
C ASP D 132 2.51 -10.58 0.56
N VAL D 133 1.83 -11.47 1.29
CA VAL D 133 2.45 -12.73 1.76
C VAL D 133 2.78 -13.67 0.59
N VAL D 134 2.01 -13.57 -0.49
CA VAL D 134 2.19 -14.40 -1.68
C VAL D 134 3.44 -13.96 -2.44
N ARG D 135 3.63 -12.65 -2.58
CA ARG D 135 4.85 -12.12 -3.19
C ARG D 135 6.09 -12.63 -2.46
N GLY D 136 6.03 -12.60 -1.13
CA GLY D 136 7.14 -13.12 -0.32
C GLY D 136 7.39 -14.61 -0.52
N ALA D 137 6.31 -15.39 -0.46
CA ALA D 137 6.36 -16.86 -0.53
C ALA D 137 6.89 -17.40 -1.86
N ALA D 138 6.69 -16.63 -2.92
CA ALA D 138 7.14 -17.02 -4.25
C ALA D 138 8.65 -17.16 -4.36
N ARG D 139 9.08 -17.97 -5.33
CA ARG D 139 10.48 -18.10 -5.67
C ARG D 139 10.89 -17.03 -6.68
N ALA D 140 9.91 -16.55 -7.45
CA ALA D 140 10.11 -15.47 -8.42
C ALA D 140 8.84 -14.61 -8.43
N VAL D 141 8.99 -13.32 -8.75
CA VAL D 141 7.85 -12.39 -8.74
C VAL D 141 7.89 -11.61 -10.05
N THR D 142 6.78 -11.55 -10.76
CA THR D 142 6.77 -10.80 -12.02
C THR D 142 6.78 -9.31 -11.73
N THR D 143 7.17 -8.51 -12.73
CA THR D 143 7.07 -7.06 -12.60
C THR D 143 5.69 -6.58 -13.08
N VAL D 144 5.10 -7.32 -13.99
CA VAL D 144 3.81 -6.97 -14.61
C VAL D 144 2.68 -7.58 -13.78
N PRO D 145 1.62 -6.79 -13.46
CA PRO D 145 0.53 -7.37 -12.66
C PRO D 145 -0.41 -8.34 -13.40
N GLY D 146 -1.26 -9.05 -12.66
CA GLY D 146 -2.25 -9.95 -13.25
C GLY D 146 -3.20 -9.22 -14.20
N GLY D 147 -3.44 -9.81 -15.36
CA GLY D 147 -4.31 -9.22 -16.37
C GLY D 147 -3.60 -8.24 -17.29
N ASP D 148 -2.34 -7.94 -16.98
CA ASP D 148 -1.54 -6.96 -17.72
CA ASP D 148 -1.55 -6.97 -17.74
C ASP D 148 -0.43 -7.63 -18.53
N GLY D 149 -0.38 -8.97 -18.53
CA GLY D 149 0.64 -9.73 -19.26
C GLY D 149 1.71 -10.38 -18.40
N ALA D 150 1.33 -10.78 -17.19
CA ALA D 150 2.27 -11.45 -16.26
C ALA D 150 2.73 -12.80 -16.82
N ILE D 151 1.84 -13.54 -17.48
CA ILE D 151 2.23 -14.83 -18.05
C ILE D 151 3.15 -14.64 -19.26
N ARG D 152 2.90 -13.60 -20.04
CA ARG D 152 3.81 -13.26 -21.13
C ARG D 152 5.22 -12.98 -20.62
N GLU D 153 5.32 -12.26 -19.49
CA GLU D 153 6.62 -12.01 -18.86
C GLU D 153 7.33 -13.31 -18.46
N ILE D 154 6.60 -14.20 -17.78
CA ILE D 154 7.13 -15.51 -17.42
C ILE D 154 7.59 -16.30 -18.66
N ALA D 155 6.79 -16.24 -19.72
CA ALA D 155 7.15 -16.92 -20.96
C ALA D 155 8.51 -16.43 -21.46
N SER D 156 8.81 -15.13 -21.27
CA SER D 156 10.08 -14.55 -21.73
C SER D 156 11.25 -14.98 -20.86
N TRP D 157 11.00 -15.24 -19.57
CA TRP D 157 12.03 -15.84 -18.71
C TRP D 157 12.45 -17.21 -19.24
N ILE D 158 11.45 -18.02 -19.58
CA ILE D 158 11.69 -19.39 -20.01
C ILE D 158 12.23 -19.45 -21.43
N LEU D 159 11.68 -18.65 -22.33
CA LEU D 159 11.97 -18.79 -23.77
C LEU D 159 12.85 -17.68 -24.37
N GLY D 160 13.09 -16.64 -23.59
CA GLY D 160 13.84 -15.48 -24.09
C GLY D 160 12.94 -14.41 -24.68
N PRO D 161 13.52 -13.26 -25.03
CA PRO D 161 12.76 -12.09 -25.47
C PRO D 161 11.92 -12.32 -26.74
N SER D 162 12.32 -13.25 -27.62
CA SER D 162 11.49 -13.49 -28.82
C SER D 162 10.48 -14.63 -28.66
N LEU D 163 10.41 -15.19 -27.45
CA LEU D 163 9.51 -16.31 -27.13
C LEU D 163 9.84 -17.53 -27.99
N ASP D 164 11.09 -17.61 -28.41
CA ASP D 164 11.61 -18.69 -29.23
C ASP D 164 10.94 -18.77 -30.62
N SER D 165 10.34 -17.67 -31.06
CA SER D 165 9.72 -17.57 -32.39
C SER D 165 10.76 -17.24 -33.45
N LEU D 166 11.86 -16.63 -33.01
CA LEU D 166 12.96 -16.25 -33.88
C LEU D 166 14.29 -16.64 -33.24
N ASP D 167 15.25 -17.03 -34.08
CA ASP D 167 16.60 -17.30 -33.59
C ASP D 167 17.41 -16.01 -33.44
N LYS D 168 18.65 -16.14 -32.93
CA LYS D 168 19.58 -15.01 -32.78
C LYS D 168 19.58 -14.10 -34.00
N GLU D 169 19.91 -14.68 -35.17
CA GLU D 169 20.02 -13.93 -36.42
C GLU D 169 18.67 -13.36 -36.93
N GLY D 170 17.60 -13.62 -36.16
CA GLY D 170 16.28 -13.07 -36.46
C GLY D 170 15.47 -13.77 -37.54
N HIS D 171 15.67 -15.07 -37.71
CA HIS D 171 14.89 -15.87 -38.66
C HIS D 171 13.83 -16.72 -37.94
N HIS D 172 12.73 -16.99 -38.65
CA HIS D 172 11.60 -17.74 -38.10
C HIS D 172 11.98 -19.13 -37.62
N HIS D 173 11.65 -19.44 -36.37
CA HIS D 173 11.88 -20.76 -35.81
C HIS D 173 10.68 -21.67 -36.09
N HIS D 174 10.92 -22.73 -36.85
CA HIS D 174 9.88 -23.68 -37.23
C HIS D 174 9.51 -24.62 -36.07
N HIS D 175 10.20 -25.76 -35.99
CA HIS D 175 9.85 -26.86 -35.05
C HIS D 175 8.39 -26.88 -34.58
#